data_6LCD
#
_entry.id   6LCD
#
_cell.length_a   70.492
_cell.length_b   113.688
_cell.length_c   149.915
_cell.angle_alpha   90.000
_cell.angle_beta   90.000
_cell.angle_gamma   90.000
#
_symmetry.space_group_name_H-M   'P 21 21 21'
#
loop_
_entity.id
_entity.type
_entity.pdbx_description
1 polymer AaTPS
2 non-polymer 'FARNESYL DIPHOSPHATE'
3 non-polymer 'MAGNESIUM ION'
4 water water
#
_entity_poly.entity_id   1
_entity_poly.type   'polypeptide(L)'
_entity_poly.pdbx_seq_one_letter_code
;MGSSHHHHHHSSGLVPRSHMSPDLTYTEVNQNLAARENASWFSPVRFAYDWLEDAPIEHLTAVPLKIRTDSPLASPKPSN
VKEQSITENNENSFSISPQLTGLPWPTSFTKVRQNRHWRQSLRISTQLLELFAADDTSAQAVRRNGVSLARIASHELQTD
EEDRFTKFATYIFPEANEERMKLLAATIVYIIIFDDSWEMHSEDTLGLVRDDFIRRLRGDIEGMAEHQTPLQQLINSTVQ
GFKDQDKTMGNGGQEVLDRLIDFCEHVPPQTKFATMGDYLSYRLIDVAFPYLLACIKFSLGSSVNVEDPKLAPILRLVSD
HVSLVNDLASYDKEKRAYDNGSACYLINAVDVAQRLFSLPSAAEAKALTYSMQLLVEAQIKTELDSLVAGGILSCEELRF
LDAALLMASGNVFYSVVSSRYGGKAAKLEK
;
_entity_poly.pdbx_strand_id   A,B
#
loop_
_chem_comp.id
_chem_comp.type
_chem_comp.name
_chem_comp.formula
FPP non-polymer 'FARNESYL DIPHOSPHATE' 'C15 H28 O7 P2'
MG non-polymer 'MAGNESIUM ION' 'Mg 2'
#
# COMPACT_ATOMS: atom_id res chain seq x y z
N THR A 25 27.11 24.15 12.30
CA THR A 25 27.64 22.81 12.06
C THR A 25 26.51 21.82 11.85
N TYR A 26 26.75 20.81 10.99
CA TYR A 26 25.76 19.76 10.78
C TYR A 26 25.78 18.72 11.88
N THR A 27 26.95 18.45 12.46
CA THR A 27 27.09 17.37 13.44
C THR A 27 26.50 17.76 14.78
N GLU A 28 26.84 18.95 15.30
CA GLU A 28 26.46 19.32 16.66
C GLU A 28 24.94 19.39 16.81
N VAL A 29 24.24 19.92 15.80
CA VAL A 29 22.79 20.07 15.92
C VAL A 29 22.11 18.70 15.95
N ASN A 30 22.56 17.78 15.10
CA ASN A 30 21.86 16.50 14.94
C ASN A 30 22.15 15.51 16.06
N GLN A 31 23.20 15.73 16.84
CA GLN A 31 23.44 14.89 18.00
C GLN A 31 22.65 15.36 19.22
N ASN A 32 22.74 16.66 19.52
CA ASN A 32 22.05 17.24 20.67
C ASN A 32 20.57 17.49 20.42
N LEU A 33 20.06 17.19 19.23
CA LEU A 33 18.65 17.44 18.94
C LEU A 33 17.74 16.49 19.71
N ALA A 34 17.97 15.18 19.56
CA ALA A 34 17.16 14.17 20.23
C ALA A 34 18.07 13.23 21.00
N ALA A 35 17.47 12.50 21.93
CA ALA A 35 18.20 11.50 22.70
C ALA A 35 18.78 10.45 21.77
N ARG A 36 20.00 9.99 22.06
CA ARG A 36 20.68 9.05 21.19
C ARG A 36 20.05 7.67 21.19
N GLU A 37 19.18 7.37 22.16
CA GLU A 37 18.48 6.09 22.15
C GLU A 37 17.39 6.04 21.08
N ASN A 38 16.91 7.20 20.63
CA ASN A 38 15.95 7.30 19.54
C ASN A 38 16.61 7.70 18.23
N ALA A 39 17.93 7.53 18.11
CA ALA A 39 18.66 7.92 16.92
C ALA A 39 18.28 7.09 15.70
N SER A 40 17.58 5.96 15.89
CA SER A 40 17.16 5.16 14.75
C SER A 40 16.02 5.84 14.00
N TRP A 41 15.01 6.30 14.73
CA TRP A 41 13.87 6.99 14.12
C TRP A 41 14.08 8.48 13.94
N PHE A 42 15.20 9.02 14.44
CA PHE A 42 15.46 10.45 14.31
C PHE A 42 15.69 10.82 12.86
N SER A 43 15.08 11.91 12.41
CA SER A 43 15.28 12.41 11.06
C SER A 43 16.34 13.49 11.09
N PRO A 44 17.44 13.35 10.35
CA PRO A 44 18.51 14.34 10.42
C PRO A 44 18.07 15.69 9.87
N VAL A 45 18.76 16.73 10.33
CA VAL A 45 18.47 18.11 9.97
C VAL A 45 19.56 18.58 9.01
N ARG A 46 19.14 19.10 7.86
CA ARG A 46 20.07 19.53 6.83
C ARG A 46 20.03 21.03 6.53
N PHE A 47 19.07 21.76 7.10
CA PHE A 47 18.96 23.19 6.86
C PHE A 47 18.70 23.91 8.18
N ALA A 48 18.93 25.24 8.16
CA ALA A 48 18.75 26.09 9.34
C ALA A 48 18.42 27.50 8.83
N TYR A 49 17.18 27.68 8.41
CA TYR A 49 16.72 28.94 7.83
C TYR A 49 16.24 29.89 8.92
N ASP A 50 16.81 31.09 8.96
CA ASP A 50 16.45 32.14 9.90
C ASP A 50 15.73 33.25 9.14
N TRP A 51 14.40 33.26 9.23
CA TRP A 51 13.62 34.28 8.53
C TRP A 51 13.62 35.63 9.25
N LEU A 52 14.19 35.71 10.46
CA LEU A 52 14.40 36.97 11.16
C LEU A 52 15.82 37.48 11.01
N GLU A 53 16.53 37.07 9.95
CA GLU A 53 17.95 37.35 9.85
C GLU A 53 18.22 38.84 9.68
N ASP A 54 17.35 39.55 8.96
CA ASP A 54 17.53 40.97 8.70
C ASP A 54 16.56 41.85 9.47
N ALA A 55 15.71 41.26 10.32
CA ALA A 55 14.72 42.07 11.01
C ALA A 55 15.33 42.71 12.27
N PRO A 56 14.97 43.96 12.56
CA PRO A 56 15.40 44.58 13.83
C PRO A 56 14.63 44.03 15.02
N ILE A 57 15.13 42.95 15.60
CA ILE A 57 14.46 42.28 16.72
C ILE A 57 15.13 42.58 18.06
N GLU A 58 16.11 43.50 18.07
CA GLU A 58 16.89 43.75 19.28
C GLU A 58 16.03 44.09 20.49
N HIS A 59 14.76 44.43 20.29
CA HIS A 59 13.85 44.71 21.40
C HIS A 59 12.83 43.60 21.62
N LEU A 60 13.04 42.43 21.01
CA LEU A 60 12.10 41.31 21.11
C LEU A 60 12.83 40.09 21.67
N THR A 61 12.47 39.67 22.87
CA THR A 61 13.03 38.47 23.48
C THR A 61 12.05 37.32 23.33
N ALA A 62 12.59 36.14 23.00
CA ALA A 62 11.77 34.94 22.92
C ALA A 62 11.37 34.40 24.28
N VAL A 63 11.96 34.89 25.36
CA VAL A 63 11.57 34.48 26.71
C VAL A 63 11.81 35.62 27.70
N GLU A 91 6.50 5.73 22.72
CA GLU A 91 5.25 5.50 22.01
C GLU A 91 5.45 5.71 20.50
N ASN A 92 4.74 6.69 19.94
CA ASN A 92 4.86 7.03 18.52
C ASN A 92 5.62 8.34 18.31
N SER A 93 6.19 8.92 19.37
CA SER A 93 6.81 10.24 19.27
C SER A 93 7.88 10.38 20.34
N PHE A 94 8.93 11.12 20.02
CA PHE A 94 10.00 11.43 20.95
C PHE A 94 10.30 12.92 20.90
N SER A 95 10.75 13.45 22.04
CA SER A 95 10.99 14.88 22.20
C SER A 95 12.17 15.34 21.34
N ILE A 96 12.15 16.63 21.00
CA ILE A 96 13.23 17.27 20.25
C ILE A 96 13.52 18.62 20.91
N SER A 97 14.80 18.94 21.09
CA SER A 97 15.23 20.14 21.81
C SER A 97 16.00 21.08 20.89
N PRO A 98 15.30 21.96 20.18
CA PRO A 98 16.00 22.96 19.35
C PRO A 98 16.72 24.02 20.17
N GLN A 99 16.17 24.40 21.33
CA GLN A 99 16.80 25.43 22.15
C GLN A 99 18.14 25.00 22.72
N LEU A 100 18.40 23.70 22.78
CA LEU A 100 19.68 23.18 23.24
C LEU A 100 20.68 23.01 22.09
N THR A 101 20.35 23.48 20.90
CA THR A 101 21.22 23.48 19.74
C THR A 101 21.39 24.92 19.24
N GLY A 102 22.27 25.08 18.25
CA GLY A 102 22.49 26.38 17.65
C GLY A 102 21.48 26.80 16.61
N LEU A 103 20.40 26.03 16.44
CA LEU A 103 19.40 26.35 15.43
C LEU A 103 18.64 27.63 15.81
N PRO A 104 18.18 28.39 14.82
CA PRO A 104 17.29 29.51 15.13
C PRO A 104 15.95 28.99 15.64
N TRP A 105 15.41 29.65 16.66
CA TRP A 105 14.20 29.21 17.34
C TRP A 105 13.37 30.43 17.70
N PRO A 106 12.71 31.04 16.71
CA PRO A 106 11.95 32.29 16.96
C PRO A 106 10.58 32.01 17.54
N THR A 107 10.57 31.52 18.78
CA THR A 107 9.32 31.23 19.48
C THR A 107 9.63 30.97 20.95
N SER A 108 8.64 31.23 21.80
CA SER A 108 8.74 30.89 23.21
C SER A 108 8.35 29.45 23.50
N PHE A 109 7.82 28.72 22.52
CA PHE A 109 7.41 27.35 22.75
C PHE A 109 8.63 26.47 22.98
N THR A 110 8.44 25.43 23.78
CA THR A 110 9.53 24.55 24.17
C THR A 110 9.31 23.10 23.80
N LYS A 111 8.06 22.64 23.66
CA LYS A 111 7.75 21.24 23.40
C LYS A 111 7.69 21.01 21.88
N VAL A 112 8.63 20.22 21.36
CA VAL A 112 8.62 19.80 19.97
C VAL A 112 8.84 18.29 19.93
N ARG A 113 8.11 17.61 19.04
CA ARG A 113 8.19 16.15 18.93
C ARG A 113 8.18 15.73 17.47
N GLN A 114 8.79 14.59 17.21
CA GLN A 114 8.84 13.98 15.88
C GLN A 114 8.15 12.63 15.90
N ASN A 115 7.38 12.34 14.84
CA ASN A 115 6.76 11.05 14.70
C ASN A 115 7.82 9.95 14.62
N ARG A 116 7.57 8.84 15.30
CA ARG A 116 8.52 7.72 15.28
C ARG A 116 8.47 6.99 13.94
N HIS A 117 7.32 6.39 13.63
CA HIS A 117 7.14 5.65 12.39
C HIS A 117 6.81 6.58 11.24
N TRP A 118 7.57 7.66 11.10
CA TRP A 118 7.41 8.56 9.97
C TRP A 118 7.93 7.94 8.68
N ARG A 119 8.94 7.08 8.78
CA ARG A 119 9.46 6.44 7.57
C ARG A 119 8.48 5.42 7.01
N GLN A 120 7.64 4.84 7.86
CA GLN A 120 6.64 3.88 7.39
C GLN A 120 5.45 4.56 6.70
N SER A 121 5.57 5.84 6.31
CA SER A 121 4.50 6.58 5.65
C SER A 121 4.92 7.33 4.39
N LEU A 122 6.20 7.39 4.05
CA LEU A 122 6.55 7.94 2.74
C LEU A 122 6.12 7.03 1.60
N ARG A 123 5.72 5.80 1.89
CA ARG A 123 5.24 4.92 0.83
C ARG A 123 3.94 5.46 0.24
N ILE A 124 2.93 5.69 1.09
CA ILE A 124 1.65 6.20 0.59
C ILE A 124 1.82 7.60 0.02
N SER A 125 2.78 8.37 0.54
CA SER A 125 3.06 9.69 -0.03
C SER A 125 3.67 9.56 -1.43
N THR A 126 4.65 8.68 -1.59
CA THR A 126 5.25 8.45 -2.91
C THR A 126 4.26 7.81 -3.86
N GLN A 127 3.44 6.89 -3.36
CA GLN A 127 2.48 6.18 -4.20
C GLN A 127 1.51 7.15 -4.86
N LEU A 128 0.84 7.99 -4.06
CA LEU A 128 -0.15 8.91 -4.61
C LEU A 128 0.48 9.87 -5.61
N LEU A 129 1.72 10.30 -5.37
CA LEU A 129 2.36 11.23 -6.28
C LEU A 129 2.60 10.58 -7.64
N GLU A 130 3.23 9.40 -7.65
CA GLU A 130 3.49 8.73 -8.92
C GLU A 130 2.21 8.27 -9.59
N LEU A 131 1.19 7.92 -8.81
CA LEU A 131 -0.11 7.57 -9.39
C LEU A 131 -0.80 8.78 -9.98
N PHE A 132 -0.62 9.96 -9.39
CA PHE A 132 -1.21 11.18 -9.94
C PHE A 132 -0.51 11.61 -11.22
N ALA A 133 0.83 11.64 -11.20
CA ALA A 133 1.58 12.08 -12.37
C ALA A 133 1.42 11.12 -13.53
N ALA A 134 1.16 9.85 -13.27
CA ALA A 134 0.96 8.87 -14.33
C ALA A 134 -0.49 8.79 -14.80
N ASP A 135 -1.44 9.29 -14.02
CA ASP A 135 -2.83 9.28 -14.44
C ASP A 135 -3.02 10.18 -15.66
N ASP A 136 -3.80 9.72 -16.62
CA ASP A 136 -3.98 10.46 -17.86
C ASP A 136 -5.06 11.53 -17.76
N THR A 137 -6.09 11.30 -16.93
CA THR A 137 -7.07 12.35 -16.68
C THR A 137 -6.46 13.51 -15.90
N SER A 138 -5.52 13.22 -15.01
CA SER A 138 -4.85 14.27 -14.24
C SER A 138 -3.87 15.08 -15.07
N ALA A 139 -3.55 14.64 -16.29
CA ALA A 139 -2.72 15.43 -17.19
C ALA A 139 -3.53 16.49 -17.93
N GLN A 140 -4.84 16.31 -18.03
CA GLN A 140 -5.74 17.29 -18.63
C GLN A 140 -6.44 18.17 -17.59
N ALA A 141 -6.42 17.77 -16.32
CA ALA A 141 -7.02 18.55 -15.24
C ALA A 141 -6.08 19.71 -14.92
N VAL A 142 -6.35 20.88 -15.49
CA VAL A 142 -5.48 22.04 -15.38
C VAL A 142 -6.11 23.06 -14.44
N ARG A 143 -5.24 23.79 -13.72
CA ARG A 143 -5.70 24.85 -12.85
C ARG A 143 -5.96 26.10 -13.68
N ARG A 144 -6.22 27.23 -13.01
CA ARG A 144 -6.47 28.47 -13.74
C ARG A 144 -5.22 28.99 -14.44
N ASN A 145 -4.03 28.60 -13.97
CA ASN A 145 -2.79 28.97 -14.63
C ASN A 145 -2.28 27.89 -15.58
N GLY A 146 -3.15 26.96 -15.98
CA GLY A 146 -2.84 26.01 -17.03
C GLY A 146 -1.99 24.84 -16.62
N VAL A 147 -1.46 24.81 -15.40
CA VAL A 147 -0.63 23.69 -14.95
C VAL A 147 -1.53 22.55 -14.49
N SER A 148 -1.20 21.34 -14.91
CA SER A 148 -2.04 20.18 -14.65
C SER A 148 -1.68 19.52 -13.32
N LEU A 149 -2.60 18.69 -12.82
CA LEU A 149 -2.33 17.93 -11.61
C LEU A 149 -1.16 16.98 -11.79
N ALA A 150 -1.01 16.40 -12.98
CA ALA A 150 0.08 15.47 -13.23
C ALA A 150 1.43 16.14 -13.04
N ARG A 151 1.57 17.38 -13.52
CA ARG A 151 2.84 18.08 -13.36
C ARG A 151 3.08 18.50 -11.91
N ILE A 152 2.01 18.85 -11.18
CA ILE A 152 2.16 19.20 -9.78
C ILE A 152 2.67 18.01 -8.98
N ALA A 153 2.22 16.80 -9.36
CA ALA A 153 2.72 15.59 -8.71
C ALA A 153 4.16 15.32 -9.10
N SER A 154 4.48 15.42 -10.40
CA SER A 154 5.86 15.23 -10.85
C SER A 154 6.79 16.30 -10.29
N HIS A 155 6.28 17.52 -10.08
CA HIS A 155 7.10 18.57 -9.48
C HIS A 155 7.50 18.20 -8.05
N GLU A 156 6.54 17.69 -7.26
CA GLU A 156 6.86 17.27 -5.90
C GLU A 156 7.71 16.01 -5.87
N LEU A 157 7.67 15.20 -6.93
CA LEU A 157 8.53 14.02 -6.99
C LEU A 157 9.99 14.37 -7.25
N GLN A 158 10.28 15.63 -7.62
CA GLN A 158 11.66 16.05 -7.84
C GLN A 158 12.38 16.31 -6.52
N THR A 159 11.74 17.05 -5.63
CA THR A 159 12.31 17.25 -4.29
C THR A 159 12.42 15.92 -3.58
N ASP A 160 13.52 15.73 -2.86
CA ASP A 160 13.81 14.46 -2.22
C ASP A 160 12.74 14.11 -1.18
N GLU A 161 12.62 12.81 -0.91
CA GLU A 161 11.68 12.34 0.10
C GLU A 161 11.98 12.91 1.47
N GLU A 162 13.22 13.37 1.70
CA GLU A 162 13.57 13.97 2.99
C GLU A 162 12.76 15.23 3.24
N ASP A 163 12.67 16.11 2.24
CA ASP A 163 12.05 17.41 2.39
C ASP A 163 10.87 17.60 1.44
N ARG A 164 10.08 16.55 1.25
CA ARG A 164 8.80 16.73 0.58
C ARG A 164 7.80 17.39 1.54
N PHE A 165 6.70 17.88 0.98
CA PHE A 165 5.72 18.58 1.80
C PHE A 165 5.06 17.66 2.82
N THR A 166 5.08 16.34 2.59
CA THR A 166 4.53 15.41 3.57
C THR A 166 5.38 15.30 4.83
N LYS A 167 6.59 15.86 4.82
CA LYS A 167 7.41 15.89 6.04
C LYS A 167 6.83 16.83 7.09
N PHE A 168 5.92 17.73 6.70
CA PHE A 168 5.23 18.56 7.68
C PHE A 168 4.49 17.70 8.69
N ALA A 169 3.77 16.68 8.22
CA ALA A 169 3.03 15.80 9.10
C ALA A 169 3.93 15.15 10.15
N THR A 170 5.20 14.88 9.79
CA THR A 170 6.12 14.25 10.72
C THR A 170 6.30 15.08 11.99
N TYR A 171 6.25 16.41 11.87
CA TYR A 171 6.47 17.28 13.02
C TYR A 171 5.18 17.91 13.55
N ILE A 172 4.15 18.07 12.73
CA ILE A 172 2.91 18.71 13.20
C ILE A 172 1.84 17.71 13.65
N PHE A 173 1.92 16.45 13.25
CA PHE A 173 1.02 15.39 13.73
C PHE A 173 1.84 14.29 14.40
N PRO A 174 2.63 14.61 15.42
CA PRO A 174 3.61 13.63 15.91
C PRO A 174 3.00 12.47 16.68
N GLU A 175 1.75 12.58 17.11
CA GLU A 175 1.15 11.58 17.98
C GLU A 175 0.54 10.41 17.22
N ALA A 176 0.33 10.55 15.91
CA ALA A 176 -0.29 9.47 15.14
C ALA A 176 0.60 8.22 15.16
N ASN A 177 -0.03 7.06 15.22
CA ASN A 177 0.67 5.79 15.23
C ASN A 177 1.15 5.45 13.82
N GLU A 178 1.73 4.26 13.65
CA GLU A 178 2.27 3.87 12.35
C GLU A 178 1.18 3.81 11.28
N GLU A 179 -0.04 3.44 11.65
CA GLU A 179 -1.13 3.30 10.69
C GLU A 179 -1.84 4.62 10.40
N ARG A 180 -2.07 5.45 11.43
CA ARG A 180 -2.83 6.67 11.23
C ARG A 180 -2.00 7.75 10.53
N MET A 181 -0.67 7.73 10.72
CA MET A 181 0.19 8.66 10.00
C MET A 181 0.22 8.37 8.50
N LYS A 182 0.12 7.10 8.12
CA LYS A 182 0.04 6.73 6.71
C LYS A 182 -1.16 7.38 6.04
N LEU A 183 -2.31 7.38 6.73
CA LEU A 183 -3.51 8.01 6.19
C LEU A 183 -3.39 9.53 6.22
N LEU A 184 -2.71 10.09 7.22
CA LEU A 184 -2.56 11.54 7.29
C LEU A 184 -1.60 12.05 6.22
N ALA A 185 -0.48 11.36 6.03
CA ALA A 185 0.45 11.74 4.97
C ALA A 185 -0.19 11.66 3.60
N ALA A 186 -1.15 10.74 3.42
CA ALA A 186 -1.87 10.66 2.15
C ALA A 186 -2.77 11.88 1.96
N THR A 187 -3.44 12.33 3.03
CA THR A 187 -4.26 13.53 2.94
C THR A 187 -3.43 14.78 2.72
N ILE A 188 -2.16 14.77 3.10
CA ILE A 188 -1.28 15.90 2.77
C ILE A 188 -1.14 16.01 1.25
N VAL A 189 -1.01 14.87 0.57
CA VAL A 189 -0.92 14.87 -0.89
C VAL A 189 -2.22 15.35 -1.50
N TYR A 190 -3.36 15.01 -0.89
CA TYR A 190 -4.64 15.50 -1.38
C TYR A 190 -4.71 17.02 -1.30
N ILE A 191 -4.18 17.60 -0.23
CA ILE A 191 -4.11 19.05 -0.12
C ILE A 191 -3.17 19.61 -1.17
N ILE A 192 -1.99 19.00 -1.34
CA ILE A 192 -1.04 19.43 -2.35
C ILE A 192 -1.69 19.45 -3.73
N ILE A 193 -2.42 18.38 -4.06
CA ILE A 193 -2.95 18.22 -5.42
C ILE A 193 -4.13 19.15 -5.65
N PHE A 194 -5.14 19.07 -4.79
CA PHE A 194 -6.40 19.76 -5.01
C PHE A 194 -6.41 21.17 -4.44
N ASP A 195 -5.24 21.77 -4.24
CA ASP A 195 -5.17 23.18 -3.89
C ASP A 195 -5.67 24.03 -5.05
N ASP A 196 -6.37 25.12 -4.73
CA ASP A 196 -6.90 26.06 -5.71
C ASP A 196 -7.81 25.38 -6.73
N SER A 197 -8.29 24.17 -6.45
CA SER A 197 -9.18 23.49 -7.38
C SER A 197 -10.60 24.03 -7.35
N TRP A 198 -10.92 24.89 -6.38
CA TRP A 198 -12.24 25.51 -6.34
C TRP A 198 -12.40 26.59 -7.40
N GLU A 199 -11.29 27.14 -7.90
CA GLU A 199 -11.37 28.18 -8.93
C GLU A 199 -11.91 27.62 -10.24
N MET A 200 -11.64 26.35 -10.54
CA MET A 200 -12.10 25.74 -11.78
C MET A 200 -13.60 25.47 -11.73
N HIS A 201 -14.24 25.56 -12.90
CA HIS A 201 -15.68 25.40 -12.99
C HIS A 201 -16.06 23.93 -12.84
N SER A 202 -17.35 23.70 -12.57
CA SER A 202 -17.86 22.34 -12.39
C SER A 202 -17.57 21.47 -13.61
N GLU A 203 -17.71 22.02 -14.82
CA GLU A 203 -17.58 21.23 -16.04
C GLU A 203 -16.16 21.17 -16.58
N ASP A 204 -15.24 21.99 -16.06
CA ASP A 204 -13.84 21.84 -16.43
C ASP A 204 -13.32 20.49 -15.95
N THR A 205 -12.31 19.97 -16.64
CA THR A 205 -11.82 18.63 -16.31
C THR A 205 -11.26 18.58 -14.89
N LEU A 206 -10.60 19.65 -14.45
CA LEU A 206 -10.18 19.70 -13.05
C LEU A 206 -11.39 19.75 -12.12
N GLY A 207 -12.43 20.48 -12.52
CA GLY A 207 -13.66 20.49 -11.74
C GLY A 207 -14.36 19.15 -11.71
N LEU A 208 -14.27 18.39 -12.81
CA LEU A 208 -14.85 17.05 -12.81
C LEU A 208 -14.01 16.10 -11.97
N VAL A 209 -12.67 16.23 -12.03
CA VAL A 209 -11.81 15.40 -11.20
C VAL A 209 -12.00 15.74 -9.73
N ARG A 210 -12.02 17.03 -9.41
CA ARG A 210 -12.21 17.46 -8.03
C ARG A 210 -13.58 17.04 -7.50
N ASP A 211 -14.63 17.14 -8.33
CA ASP A 211 -15.95 16.71 -7.90
C ASP A 211 -16.02 15.19 -7.76
N ASP A 212 -15.22 14.46 -8.54
CA ASP A 212 -15.16 13.01 -8.37
C ASP A 212 -14.41 12.64 -7.09
N PHE A 213 -13.36 13.40 -6.78
CA PHE A 213 -12.64 13.19 -5.53
C PHE A 213 -13.54 13.43 -4.33
N ILE A 214 -14.44 14.42 -4.42
CA ILE A 214 -15.36 14.70 -3.34
C ILE A 214 -16.37 13.58 -3.18
N ARG A 215 -16.89 13.06 -4.31
CA ARG A 215 -17.80 11.92 -4.23
C ARG A 215 -17.10 10.70 -3.66
N ARG A 216 -15.83 10.48 -4.04
CA ARG A 216 -15.08 9.36 -3.50
C ARG A 216 -14.86 9.49 -1.99
N LEU A 217 -14.90 10.71 -1.45
CA LEU A 217 -14.67 10.92 -0.03
C LEU A 217 -15.93 10.75 0.81
N ARG A 218 -17.11 10.89 0.20
CA ARG A 218 -18.36 10.61 0.90
C ARG A 218 -18.72 9.14 0.85
N GLY A 219 -18.14 8.37 -0.05
CA GLY A 219 -18.60 7.01 -0.29
C GLY A 219 -19.99 7.01 -0.89
N ASP A 220 -20.20 7.86 -1.89
CA ASP A 220 -21.51 8.05 -2.50
C ASP A 220 -22.02 6.78 -3.19
N GLU A 226 -18.36 -0.30 -13.74
CA GLU A 226 -17.72 0.91 -13.26
C GLU A 226 -16.24 0.66 -12.96
N HIS A 227 -15.43 0.62 -14.01
CA HIS A 227 -13.99 0.41 -13.85
C HIS A 227 -13.38 1.57 -13.09
N GLN A 228 -12.45 1.26 -12.18
CA GLN A 228 -11.79 2.24 -11.34
C GLN A 228 -10.29 2.21 -11.61
N THR A 229 -9.74 3.35 -12.00
CA THR A 229 -8.31 3.44 -12.29
C THR A 229 -7.51 3.16 -11.02
N PRO A 230 -6.26 2.70 -11.15
CA PRO A 230 -5.44 2.43 -9.95
C PRO A 230 -5.37 3.59 -8.97
N LEU A 231 -5.40 4.84 -9.45
CA LEU A 231 -5.37 5.97 -8.53
C LEU A 231 -6.68 6.06 -7.75
N GLN A 232 -7.82 5.92 -8.43
CA GLN A 232 -9.09 5.85 -7.73
C GLN A 232 -9.13 4.69 -6.75
N GLN A 233 -8.44 3.59 -7.07
CA GLN A 233 -8.39 2.46 -6.15
C GLN A 233 -7.66 2.83 -4.86
N LEU A 234 -6.51 3.51 -4.99
CA LEU A 234 -5.78 3.92 -3.80
C LEU A 234 -6.54 4.95 -3.00
N ILE A 235 -7.19 5.91 -3.67
CA ILE A 235 -8.03 6.89 -2.99
C ILE A 235 -9.17 6.18 -2.26
N ASN A 236 -9.73 5.15 -2.87
CA ASN A 236 -10.73 4.34 -2.18
C ASN A 236 -10.15 3.72 -0.92
N SER A 237 -8.94 3.17 -1.01
CA SER A 237 -8.32 2.54 0.15
C SER A 237 -8.09 3.54 1.28
N THR A 238 -7.70 4.76 0.93
CA THR A 238 -7.51 5.78 1.96
C THR A 238 -8.83 6.12 2.64
N VAL A 239 -9.89 6.33 1.86
CA VAL A 239 -11.19 6.63 2.45
C VAL A 239 -11.64 5.49 3.38
N GLN A 240 -11.44 4.24 2.94
CA GLN A 240 -11.79 3.10 3.78
C GLN A 240 -10.90 3.02 5.01
N GLY A 241 -9.63 3.42 4.89
CA GLY A 241 -8.75 3.39 6.04
C GLY A 241 -9.22 4.28 7.18
N PHE A 242 -9.72 5.48 6.85
CA PHE A 242 -10.24 6.36 7.89
C PHE A 242 -11.46 5.76 8.57
N LYS A 243 -12.35 5.13 7.79
CA LYS A 243 -13.52 4.48 8.38
C LYS A 243 -13.12 3.33 9.30
N ASP A 244 -12.04 2.60 8.95
CA ASP A 244 -11.60 1.50 9.80
C ASP A 244 -11.02 2.02 11.11
N GLN A 245 -10.25 3.11 11.05
CA GLN A 245 -9.68 3.67 12.27
C GLN A 245 -10.75 4.26 13.18
N ASP A 246 -11.84 4.76 12.61
CA ASP A 246 -12.92 5.28 13.42
C ASP A 246 -13.65 4.16 14.18
N LYS A 247 -13.81 3.00 13.53
CA LYS A 247 -14.36 1.84 14.22
C LYS A 247 -13.50 1.44 15.41
N THR A 248 -12.18 1.55 15.26
CA THR A 248 -11.27 1.18 16.35
C THR A 248 -11.40 2.15 17.53
N MET A 249 -11.13 3.44 17.28
CA MET A 249 -11.07 4.40 18.38
C MET A 249 -11.22 5.81 17.81
N GLY A 250 -12.15 6.57 18.37
CA GLY A 250 -12.35 7.94 17.96
C GLY A 250 -13.23 8.07 16.73
N ASN A 251 -13.66 9.30 16.46
CA ASN A 251 -14.52 9.60 15.33
C ASN A 251 -13.98 10.75 14.48
N GLY A 252 -12.68 10.99 14.52
CA GLY A 252 -12.09 12.05 13.72
C GLY A 252 -11.81 11.70 12.28
N GLY A 253 -11.92 10.42 11.92
CA GLY A 253 -11.63 10.02 10.56
C GLY A 253 -12.58 10.61 9.55
N GLN A 254 -13.89 10.51 9.81
CA GLN A 254 -14.85 11.12 8.91
C GLN A 254 -14.74 12.64 8.91
N GLU A 255 -14.31 13.22 10.03
CA GLU A 255 -14.14 14.67 10.09
C GLU A 255 -13.03 15.14 9.17
N VAL A 256 -11.93 14.38 9.08
CA VAL A 256 -10.83 14.76 8.20
C VAL A 256 -11.32 14.79 6.75
N LEU A 257 -11.98 13.73 6.30
CA LEU A 257 -12.55 13.71 4.97
C LEU A 257 -13.59 14.80 4.79
N ASP A 258 -14.43 15.03 5.82
CA ASP A 258 -15.43 16.08 5.75
C ASP A 258 -14.80 17.44 5.55
N ARG A 259 -13.81 17.78 6.37
CA ARG A 259 -13.13 19.06 6.22
C ARG A 259 -12.26 19.11 4.99
N LEU A 260 -11.82 17.95 4.47
CA LEU A 260 -11.17 17.93 3.17
C LEU A 260 -12.16 18.28 2.07
N ILE A 261 -13.40 17.78 2.17
CA ILE A 261 -14.46 18.21 1.25
C ILE A 261 -14.69 19.71 1.37
N ASP A 262 -14.73 20.21 2.61
CA ASP A 262 -14.92 21.64 2.83
C ASP A 262 -13.78 22.44 2.23
N PHE A 263 -12.57 21.87 2.18
CA PHE A 263 -11.44 22.58 1.59
C PHE A 263 -11.59 22.69 0.07
N CYS A 264 -12.05 21.62 -0.58
CA CYS A 264 -12.20 21.63 -2.03
C CYS A 264 -13.35 22.51 -2.50
N GLU A 265 -14.30 22.83 -1.62
CA GLU A 265 -15.51 23.54 -2.00
C GLU A 265 -15.50 25.01 -1.62
N HIS A 266 -15.22 25.31 -0.35
CA HIS A 266 -15.32 26.69 0.14
C HIS A 266 -14.30 27.58 -0.55
N VAL A 267 -14.80 28.63 -1.21
CA VAL A 267 -13.96 29.62 -1.88
C VAL A 267 -13.58 30.70 -0.87
N PRO A 268 -12.30 31.04 -0.74
CA PRO A 268 -11.90 32.06 0.24
C PRO A 268 -12.38 33.44 -0.19
N PRO A 269 -12.55 34.37 0.77
CA PRO A 269 -12.98 35.72 0.42
C PRO A 269 -11.94 36.49 -0.38
N GLN A 270 -12.28 37.70 -0.81
CA GLN A 270 -11.40 38.48 -1.67
C GLN A 270 -10.13 38.90 -0.94
N THR A 271 -9.19 39.46 -1.70
CA THR A 271 -7.79 39.46 -1.28
C THR A 271 -7.23 40.83 -0.90
N LYS A 272 -7.96 41.60 -0.09
CA LYS A 272 -7.32 42.70 0.61
C LYS A 272 -8.15 43.03 1.84
N PHE A 273 -7.45 43.42 2.91
CA PHE A 273 -7.98 43.38 4.26
C PHE A 273 -7.70 44.70 4.96
N ALA A 274 -8.72 45.26 5.59
CA ALA A 274 -8.55 46.52 6.30
C ALA A 274 -7.83 46.34 7.63
N THR A 275 -7.95 45.16 8.24
CA THR A 275 -7.32 44.86 9.51
C THR A 275 -6.53 43.56 9.38
N MET A 276 -5.68 43.29 10.38
CA MET A 276 -4.94 42.04 10.40
C MET A 276 -5.85 40.85 10.68
N GLY A 277 -6.88 41.06 11.50
CA GLY A 277 -7.84 39.99 11.75
C GLY A 277 -8.63 39.61 10.50
N ASP A 278 -8.92 40.59 9.64
CA ASP A 278 -9.53 40.27 8.36
C ASP A 278 -8.63 39.35 7.53
N TYR A 279 -7.31 39.52 7.63
CA TYR A 279 -6.39 38.66 6.91
C TYR A 279 -6.29 37.28 7.54
N LEU A 280 -6.20 37.22 8.87
CA LEU A 280 -5.98 35.95 9.56
C LEU A 280 -7.21 35.05 9.50
N SER A 281 -8.41 35.63 9.40
CA SER A 281 -9.61 34.82 9.20
C SER A 281 -9.66 34.27 7.79
N TYR A 282 -9.17 35.03 6.81
CA TYR A 282 -8.99 34.48 5.48
C TYR A 282 -7.88 33.44 5.48
N ARG A 283 -6.81 33.68 6.23
CA ARG A 283 -5.70 32.76 6.28
C ARG A 283 -6.07 31.48 7.02
N LEU A 284 -6.98 31.55 7.99
CA LEU A 284 -7.51 30.34 8.61
C LEU A 284 -8.14 29.44 7.56
N ILE A 285 -8.81 30.04 6.56
CA ILE A 285 -9.38 29.27 5.46
C ILE A 285 -8.28 28.75 4.54
N ASP A 286 -7.28 29.61 4.26
CA ASP A 286 -6.26 29.25 3.27
C ASP A 286 -5.41 28.08 3.73
N VAL A 287 -5.00 28.07 5.01
CA VAL A 287 -4.16 26.98 5.54
C VAL A 287 -4.98 25.75 5.88
N ALA A 288 -6.27 25.72 5.52
CA ALA A 288 -7.16 24.60 5.81
C ALA A 288 -7.11 24.25 7.30
N PHE A 289 -7.31 25.27 8.14
CA PHE A 289 -7.21 25.05 9.57
C PHE A 289 -8.27 24.08 10.12
N PRO A 290 -9.54 24.12 9.70
CA PRO A 290 -10.48 23.10 10.18
C PRO A 290 -10.03 21.68 9.84
N TYR A 291 -9.54 21.47 8.62
CA TYR A 291 -8.94 20.19 8.26
C TYR A 291 -7.76 19.88 9.16
N LEU A 292 -6.90 20.87 9.39
CA LEU A 292 -5.72 20.66 10.23
C LEU A 292 -6.10 20.23 11.64
N LEU A 293 -7.13 20.85 12.22
CA LEU A 293 -7.58 20.45 13.54
C LEU A 293 -8.13 19.03 13.53
N ALA A 294 -8.84 18.66 12.47
CA ALA A 294 -9.40 17.32 12.38
C ALA A 294 -8.31 16.25 12.37
N CYS A 295 -7.16 16.55 11.75
CA CYS A 295 -6.05 15.61 11.79
C CYS A 295 -5.46 15.48 13.19
N ILE A 296 -5.35 16.61 13.91
CA ILE A 296 -4.88 16.56 15.29
C ILE A 296 -5.74 15.60 16.09
N LYS A 297 -7.06 15.77 16.02
CA LYS A 297 -7.97 14.87 16.70
C LYS A 297 -7.81 13.45 16.22
N PHE A 298 -7.71 13.26 14.89
CA PHE A 298 -7.53 11.93 14.34
C PHE A 298 -6.18 11.33 14.71
N SER A 299 -5.17 12.17 14.94
CA SER A 299 -3.85 11.67 15.28
C SER A 299 -3.83 10.94 16.62
N LEU A 300 -4.68 11.35 17.56
CA LEU A 300 -4.73 10.74 18.88
C LEU A 300 -5.86 9.73 19.03
N GLY A 301 -6.56 9.39 17.95
CA GLY A 301 -7.77 8.61 18.08
C GLY A 301 -8.82 9.25 18.97
N SER A 302 -8.86 10.57 19.00
CA SER A 302 -9.68 11.31 19.94
C SER A 302 -11.13 11.39 19.45
N SER A 303 -12.00 11.84 20.35
CA SER A 303 -13.40 12.10 20.02
C SER A 303 -13.82 13.49 20.47
N VAL A 304 -12.86 14.36 20.79
CA VAL A 304 -13.19 15.71 21.23
C VAL A 304 -14.06 16.40 20.18
N ASN A 305 -15.03 17.17 20.64
CA ASN A 305 -15.75 18.09 19.77
C ASN A 305 -14.90 19.33 19.57
N VAL A 306 -14.25 19.42 18.40
CA VAL A 306 -13.36 20.53 18.11
C VAL A 306 -14.11 21.86 18.09
N GLU A 307 -15.37 21.86 17.65
CA GLU A 307 -16.16 23.08 17.60
C GLU A 307 -16.80 23.46 18.94
N ASP A 308 -16.32 22.92 20.05
CA ASP A 308 -16.79 23.32 21.38
C ASP A 308 -16.47 24.79 21.62
N PRO A 309 -17.46 25.64 21.94
CA PRO A 309 -17.16 27.06 22.16
C PRO A 309 -16.20 27.31 23.31
N LYS A 310 -16.04 26.34 24.22
CA LYS A 310 -15.05 26.47 25.27
C LYS A 310 -13.64 26.57 24.71
N LEU A 311 -13.37 25.90 23.60
CA LEU A 311 -12.06 25.86 22.99
C LEU A 311 -11.89 26.84 21.85
N ALA A 312 -12.95 27.57 21.49
CA ALA A 312 -12.86 28.48 20.35
C ALA A 312 -11.80 29.57 20.51
N PRO A 313 -11.66 30.25 21.65
CA PRO A 313 -10.60 31.28 21.74
C PRO A 313 -9.20 30.73 21.54
N ILE A 314 -8.83 29.68 22.27
CA ILE A 314 -7.45 29.19 22.19
C ILE A 314 -7.17 28.56 20.82
N LEU A 315 -8.18 27.94 20.20
CA LEU A 315 -7.96 27.34 18.89
C LEU A 315 -7.87 28.39 17.80
N ARG A 316 -8.56 29.53 17.96
CA ARG A 316 -8.38 30.62 17.01
C ARG A 316 -6.99 31.24 17.14
N LEU A 317 -6.47 31.29 18.37
CA LEU A 317 -5.11 31.76 18.57
C LEU A 317 -4.08 30.81 17.95
N VAL A 318 -4.35 29.51 17.98
CA VAL A 318 -3.44 28.56 17.37
C VAL A 318 -3.40 28.76 15.85
N SER A 319 -4.55 29.01 15.24
CA SER A 319 -4.56 29.30 13.81
C SER A 319 -3.83 30.61 13.52
N ASP A 320 -4.04 31.62 14.36
CA ASP A 320 -3.29 32.86 14.21
C ASP A 320 -1.79 32.61 14.28
N HIS A 321 -1.35 31.78 15.23
CA HIS A 321 0.07 31.49 15.37
C HIS A 321 0.60 30.73 14.16
N VAL A 322 -0.10 29.68 13.74
CA VAL A 322 0.33 28.91 12.59
C VAL A 322 0.35 29.77 11.33
N SER A 323 -0.61 30.68 11.21
CA SER A 323 -0.67 31.54 10.03
C SER A 323 0.47 32.55 9.99
N LEU A 324 0.79 33.17 11.13
CA LEU A 324 1.87 34.16 11.15
C LEU A 324 3.22 33.48 10.98
N VAL A 325 3.43 32.34 11.63
CA VAL A 325 4.71 31.65 11.51
C VAL A 325 4.97 31.21 10.09
N ASN A 326 3.94 30.65 9.43
CA ASN A 326 4.12 30.23 8.04
C ASN A 326 4.36 31.43 7.14
N ASP A 327 3.62 32.52 7.33
CA ASP A 327 3.82 33.71 6.52
C ASP A 327 5.18 34.36 6.77
N LEU A 328 5.67 34.31 8.00
CA LEU A 328 7.01 34.80 8.29
C LEU A 328 8.06 33.95 7.58
N ALA A 329 7.90 32.63 7.63
CA ALA A 329 8.90 31.73 7.06
C ALA A 329 8.93 31.79 5.54
N SER A 330 7.80 32.09 4.90
CA SER A 330 7.68 31.96 3.46
C SER A 330 7.64 33.31 2.74
N TYR A 331 7.91 34.41 3.45
CA TYR A 331 7.82 35.72 2.81
C TYR A 331 8.85 35.88 1.69
N ASP A 332 10.11 35.53 1.98
CA ASP A 332 11.16 35.67 0.97
C ASP A 332 10.86 34.81 -0.26
N LYS A 333 10.39 33.58 -0.04
CA LYS A 333 9.99 32.73 -1.16
C LYS A 333 8.81 33.34 -1.91
N GLU A 334 7.82 33.87 -1.18
CA GLU A 334 6.63 34.43 -1.81
C GLU A 334 6.90 35.80 -2.40
N LYS A 335 7.86 36.56 -1.85
CA LYS A 335 8.20 37.85 -2.44
C LYS A 335 8.82 37.69 -3.81
N ARG A 336 9.70 36.70 -3.97
CA ARG A 336 10.33 36.48 -5.27
C ARG A 336 9.33 36.01 -6.30
N ALA A 337 8.30 35.26 -5.89
CA ALA A 337 7.27 34.82 -6.82
C ALA A 337 6.49 35.98 -7.41
N TYR A 338 6.47 37.12 -6.72
CA TYR A 338 5.85 38.33 -7.27
C TYR A 338 6.86 39.19 -8.02
N ASP A 339 8.14 39.09 -7.68
CA ASP A 339 9.16 39.92 -8.32
C ASP A 339 9.41 39.48 -9.75
N ASN A 340 9.67 38.20 -9.97
CA ASN A 340 9.92 37.66 -11.29
C ASN A 340 8.65 37.18 -11.99
N GLY A 341 7.49 37.61 -11.51
CA GLY A 341 6.23 37.26 -12.16
C GLY A 341 5.78 35.83 -12.00
N SER A 342 6.46 35.03 -11.17
CA SER A 342 6.04 33.64 -10.98
C SER A 342 4.67 33.54 -10.34
N ALA A 343 4.22 34.57 -9.63
CA ALA A 343 2.88 34.61 -9.06
C ALA A 343 2.30 36.00 -9.28
N CYS A 344 0.98 36.04 -9.50
CA CYS A 344 0.31 37.30 -9.80
C CYS A 344 0.12 38.16 -8.55
N TYR A 345 -0.01 37.54 -7.38
CA TYR A 345 -0.39 38.22 -6.16
C TYR A 345 0.78 38.27 -5.17
N LEU A 346 0.49 38.80 -3.97
CA LEU A 346 1.42 38.72 -2.84
C LEU A 346 0.55 38.78 -1.57
N ILE A 347 0.18 37.61 -1.06
CA ILE A 347 -0.66 37.49 0.13
C ILE A 347 0.21 36.94 1.24
N ASN A 348 0.41 37.74 2.28
CA ASN A 348 1.31 37.41 3.37
C ASN A 348 1.08 38.41 4.49
N ALA A 349 1.20 37.93 5.73
CA ALA A 349 0.99 38.82 6.87
C ALA A 349 2.08 39.88 6.99
N VAL A 350 3.31 39.55 6.58
CA VAL A 350 4.40 40.51 6.64
C VAL A 350 4.10 41.71 5.75
N ASP A 351 3.62 41.44 4.53
CA ASP A 351 3.29 42.53 3.61
C ASP A 351 2.07 43.30 4.11
N VAL A 352 1.10 42.61 4.70
CA VAL A 352 -0.08 43.28 5.23
C VAL A 352 0.30 44.23 6.36
N ALA A 353 1.20 43.78 7.25
CA ALA A 353 1.62 44.63 8.36
C ALA A 353 2.45 45.80 7.86
N GLN A 354 3.28 45.60 6.83
CA GLN A 354 4.06 46.69 6.27
C GLN A 354 3.16 47.78 5.71
N ARG A 355 2.08 47.39 5.04
CA ARG A 355 1.18 48.38 4.45
C ARG A 355 0.31 49.04 5.51
N LEU A 356 -0.24 48.25 6.44
CA LEU A 356 -1.15 48.77 7.44
C LEU A 356 -0.50 49.75 8.40
N PHE A 357 0.84 49.73 8.51
CA PHE A 357 1.50 50.59 9.49
C PHE A 357 2.69 51.34 8.91
N SER A 358 2.79 51.41 7.58
CA SER A 358 3.76 52.29 6.92
C SER A 358 5.17 51.95 7.36
N LEU A 359 5.51 50.68 7.25
CA LEU A 359 6.90 50.44 7.56
C LEU A 359 7.74 50.54 6.28
N PRO A 360 8.95 51.09 6.35
CA PRO A 360 9.68 51.38 5.11
C PRO A 360 10.17 50.15 4.37
N SER A 361 10.24 49.00 5.03
CA SER A 361 10.81 47.82 4.41
C SER A 361 10.09 46.58 4.93
N ALA A 362 10.45 45.43 4.36
CA ALA A 362 10.00 44.15 4.89
C ALA A 362 10.78 43.74 6.13
N ALA A 363 11.99 44.27 6.32
CA ALA A 363 12.76 43.95 7.52
C ALA A 363 12.05 44.43 8.76
N GLU A 364 11.61 45.69 8.77
CA GLU A 364 10.84 46.18 9.91
C GLU A 364 9.49 45.49 10.01
N ALA A 365 8.89 45.11 8.87
CA ALA A 365 7.61 44.43 8.90
C ALA A 365 7.73 43.06 9.55
N LYS A 366 8.83 42.35 9.31
CA LYS A 366 9.06 41.08 9.96
C LYS A 366 9.20 41.24 11.47
N ALA A 367 9.82 42.35 11.91
CA ALA A 367 10.00 42.57 13.34
C ALA A 367 8.66 42.75 14.06
N LEU A 368 7.74 43.49 13.44
CA LEU A 368 6.44 43.71 14.07
C LEU A 368 5.56 42.46 13.97
N THR A 369 5.59 41.79 12.81
CA THR A 369 4.85 40.53 12.67
C THR A 369 5.35 39.49 13.65
N TYR A 370 6.66 39.44 13.88
CA TYR A 370 7.22 38.57 14.90
C TYR A 370 6.77 38.98 16.30
N SER A 371 6.64 40.30 16.53
CA SER A 371 6.16 40.76 17.83
C SER A 371 4.73 40.28 18.09
N MET A 372 3.89 40.26 17.06
CA MET A 372 2.53 39.76 17.22
C MET A 372 2.51 38.28 17.54
N GLN A 373 3.42 37.50 16.92
CA GLN A 373 3.50 36.08 17.21
C GLN A 373 3.81 35.83 18.68
N LEU A 374 4.78 36.55 19.24
CA LEU A 374 5.09 36.42 20.66
C LEU A 374 3.95 36.91 21.53
N LEU A 375 3.15 37.85 21.03
CA LEU A 375 1.96 38.27 21.75
C LEU A 375 0.91 37.18 21.77
N VAL A 376 0.69 36.53 20.62
CA VAL A 376 -0.28 35.43 20.55
C VAL A 376 0.19 34.25 21.40
N GLU A 377 1.49 33.95 21.37
CA GLU A 377 2.04 32.89 22.21
C GLU A 377 1.71 33.15 23.67
N ALA A 378 1.84 34.40 24.12
CA ALA A 378 1.51 34.73 25.51
C ALA A 378 0.03 34.52 25.79
N GLN A 379 -0.83 34.95 24.86
CA GLN A 379 -2.27 34.73 25.04
C GLN A 379 -2.62 33.25 25.04
N ILE A 380 -1.91 32.45 24.24
CA ILE A 380 -2.14 31.01 24.21
C ILE A 380 -1.86 30.39 25.58
N LYS A 381 -0.70 30.71 26.14
CA LYS A 381 -0.34 30.16 27.45
C LYS A 381 -1.22 30.72 28.56
N THR A 382 -1.64 31.98 28.43
CA THR A 382 -2.58 32.55 29.40
C THR A 382 -3.92 31.82 29.32
N GLU A 383 -4.44 31.62 28.11
CA GLU A 383 -5.74 30.97 27.94
C GLU A 383 -5.69 29.52 28.39
N LEU A 384 -4.60 28.80 28.05
CA LEU A 384 -4.50 27.40 28.44
C LEU A 384 -4.42 27.26 29.96
N ASP A 385 -3.61 28.10 30.61
CA ASP A 385 -3.49 28.04 32.06
C ASP A 385 -4.82 28.37 32.74
N SER A 386 -5.58 29.29 32.16
CA SER A 386 -6.90 29.63 32.72
C SER A 386 -7.85 28.45 32.60
N LEU A 387 -7.84 27.77 31.45
CA LEU A 387 -8.70 26.61 31.27
C LEU A 387 -8.31 25.47 32.22
N VAL A 388 -7.02 25.31 32.48
CA VAL A 388 -6.58 24.25 33.39
C VAL A 388 -6.92 24.62 34.83
N ALA A 389 -6.75 25.88 35.21
CA ALA A 389 -7.08 26.30 36.56
C ALA A 389 -8.57 26.19 36.85
N GLY A 390 -9.41 26.45 35.84
CA GLY A 390 -10.85 26.38 36.02
C GLY A 390 -11.42 24.97 36.06
N GLY A 391 -10.60 23.95 35.82
CA GLY A 391 -11.07 22.58 35.85
C GLY A 391 -12.11 22.22 34.83
N ILE A 392 -12.25 23.04 33.78
CA ILE A 392 -13.30 22.83 32.78
C ILE A 392 -12.81 22.05 31.57
N LEU A 393 -11.63 21.44 31.65
CA LEU A 393 -11.04 20.70 30.55
C LEU A 393 -10.99 19.21 30.91
N SER A 394 -11.53 18.38 30.05
CA SER A 394 -11.40 16.94 30.24
C SER A 394 -9.99 16.49 29.84
N CYS A 395 -9.62 15.30 30.31
CA CYS A 395 -8.28 14.78 30.02
C CYS A 395 -8.08 14.55 28.52
N GLU A 396 -9.15 14.15 27.83
CA GLU A 396 -9.07 14.02 26.38
C GLU A 396 -9.03 15.38 25.69
N GLU A 397 -9.56 16.41 26.34
CA GLU A 397 -9.56 17.75 25.75
C GLU A 397 -8.20 18.42 25.92
N LEU A 398 -7.55 18.24 27.07
CA LEU A 398 -6.23 18.82 27.25
C LEU A 398 -5.18 18.09 26.42
N ARG A 399 -5.35 16.78 26.24
CA ARG A 399 -4.45 16.04 25.36
C ARG A 399 -4.54 16.55 23.93
N PHE A 400 -5.74 16.94 23.50
CA PHE A 400 -5.90 17.52 22.17
C PHE A 400 -5.29 18.92 22.10
N LEU A 401 -5.47 19.72 23.15
CA LEU A 401 -4.86 21.04 23.19
C LEU A 401 -3.33 20.93 23.22
N ASP A 402 -2.80 19.95 23.93
CA ASP A 402 -1.35 19.73 23.94
C ASP A 402 -0.85 19.42 22.53
N ALA A 403 -1.60 18.59 21.79
CA ALA A 403 -1.20 18.25 20.43
C ALA A 403 -1.40 19.42 19.48
N ALA A 404 -2.35 20.32 19.78
CA ALA A 404 -2.51 21.52 18.96
C ALA A 404 -1.30 22.43 19.10
N LEU A 405 -0.75 22.55 20.31
CA LEU A 405 0.45 23.35 20.49
C LEU A 405 1.66 22.65 19.89
N LEU A 406 1.68 21.31 19.88
CA LEU A 406 2.71 20.59 19.15
C LEU A 406 2.60 20.86 17.65
N MET A 407 1.41 21.19 17.14
CA MET A 407 1.35 21.63 15.75
C MET A 407 1.95 23.02 15.60
N ALA A 408 1.72 23.90 16.57
CA ALA A 408 2.27 25.25 16.48
C ALA A 408 3.79 25.24 16.59
N SER A 409 4.33 24.44 17.50
CA SER A 409 5.78 24.35 17.64
C SER A 409 6.41 23.55 16.51
N GLY A 410 5.82 22.40 16.17
CA GLY A 410 6.31 21.62 15.05
C GLY A 410 6.26 22.37 13.74
N ASN A 411 5.35 23.33 13.63
CA ASN A 411 5.30 24.19 12.44
C ASN A 411 6.53 25.09 12.38
N VAL A 412 7.05 25.50 13.53
CA VAL A 412 8.25 26.33 13.57
C VAL A 412 9.50 25.49 13.30
N PHE A 413 9.58 24.30 13.90
CA PHE A 413 10.79 23.49 13.74
C PHE A 413 10.99 23.10 12.29
N TYR A 414 9.95 22.57 11.64
CA TYR A 414 10.10 22.15 10.24
C TYR A 414 10.42 23.35 9.35
N SER A 415 9.72 24.47 9.54
CA SER A 415 9.99 25.66 8.75
C SER A 415 11.42 26.16 8.90
N VAL A 416 12.11 25.80 9.98
CA VAL A 416 13.51 26.15 10.14
C VAL A 416 14.40 25.15 9.43
N VAL A 417 14.12 23.86 9.58
CA VAL A 417 15.01 22.81 9.11
C VAL A 417 14.63 22.29 7.72
N SER A 418 13.65 22.91 7.07
CA SER A 418 13.24 22.49 5.74
C SER A 418 13.99 23.28 4.66
N SER A 419 13.98 22.73 3.45
CA SER A 419 14.49 23.41 2.28
C SER A 419 13.41 24.23 1.58
N ARG A 420 12.18 24.21 2.08
CA ARG A 420 11.07 24.87 1.40
C ARG A 420 11.17 26.39 1.46
N TYR A 421 11.78 26.92 2.52
CA TYR A 421 11.79 28.36 2.76
C TYR A 421 13.18 28.96 2.84
N GLY A 422 14.21 28.17 3.10
CA GLY A 422 15.57 28.67 3.17
C GLY A 422 16.37 28.38 1.93
N GLY A 423 15.86 27.47 1.09
CA GLY A 423 16.57 27.09 -0.10
C GLY A 423 17.90 26.42 0.23
N LYS A 424 18.73 26.29 -0.81
CA LYS A 424 20.05 25.69 -0.65
C LYS A 424 21.00 26.60 0.13
N ALA A 425 20.69 27.90 0.21
CA ALA A 425 21.57 28.84 0.90
C ALA A 425 21.70 28.55 2.39
N ALA A 426 20.69 27.91 3.00
CA ALA A 426 20.71 27.61 4.43
C ALA A 426 21.16 26.18 4.72
N LYS A 427 21.95 25.59 3.82
CA LYS A 427 22.42 24.23 4.02
C LYS A 427 23.45 24.17 5.14
N LEU A 428 23.37 23.12 5.95
CA LEU A 428 24.32 22.90 7.04
C LEU A 428 25.51 22.10 6.53
N GLU A 429 26.71 22.63 6.74
CA GLU A 429 27.96 22.02 6.29
C GLU A 429 27.94 21.75 4.79
N LEU B 24 13.05 -20.32 -31.80
CA LEU B 24 11.94 -20.91 -31.06
C LEU B 24 10.62 -20.45 -31.65
N THR B 25 9.92 -21.36 -32.31
CA THR B 25 8.64 -21.07 -32.94
C THR B 25 7.50 -21.64 -32.11
N TYR B 26 6.27 -21.46 -32.60
CA TYR B 26 5.10 -21.98 -31.93
C TYR B 26 4.86 -23.46 -32.26
N THR B 27 5.29 -23.91 -33.43
CA THR B 27 5.00 -25.26 -33.88
C THR B 27 6.03 -26.28 -33.39
N GLU B 28 7.31 -25.90 -33.32
CA GLU B 28 8.32 -26.81 -32.82
C GLU B 28 8.15 -27.09 -31.34
N VAL B 29 7.69 -26.10 -30.57
CA VAL B 29 7.46 -26.34 -29.15
C VAL B 29 6.24 -27.23 -28.94
N ASN B 30 5.23 -27.09 -29.80
CA ASN B 30 3.99 -27.86 -29.68
C ASN B 30 4.03 -29.17 -30.46
N GLN B 31 5.18 -29.84 -30.53
CA GLN B 31 5.27 -31.13 -31.21
C GLN B 31 6.18 -32.08 -30.42
N ASN B 32 7.21 -31.52 -29.80
CA ASN B 32 8.08 -32.28 -28.90
C ASN B 32 7.70 -32.07 -27.43
N LEU B 33 6.58 -31.40 -27.17
CA LEU B 33 6.16 -31.18 -25.80
C LEU B 33 5.56 -32.45 -25.19
N ALA B 34 4.64 -33.08 -25.92
CA ALA B 34 4.01 -34.31 -25.48
C ALA B 34 4.10 -35.35 -26.59
N ALA B 35 3.79 -36.59 -26.24
CA ALA B 35 3.78 -37.67 -27.22
C ALA B 35 2.67 -37.45 -28.25
N ARG B 36 2.86 -38.03 -29.43
CA ARG B 36 1.87 -37.89 -30.49
C ARG B 36 0.56 -38.59 -30.17
N GLU B 37 0.56 -39.52 -29.20
CA GLU B 37 -0.64 -40.27 -28.85
C GLU B 37 -1.62 -39.45 -28.01
N ASN B 38 -1.14 -38.44 -27.29
CA ASN B 38 -2.00 -37.56 -26.51
C ASN B 38 -2.23 -36.21 -27.17
N ALA B 39 -2.21 -36.17 -28.51
CA ALA B 39 -2.25 -34.90 -29.24
C ALA B 39 -3.58 -34.19 -29.07
N SER B 40 -4.67 -34.93 -28.82
CA SER B 40 -5.96 -34.30 -28.69
C SER B 40 -6.17 -33.68 -27.32
N TRP B 41 -5.79 -34.41 -26.25
CA TRP B 41 -5.85 -33.85 -24.90
C TRP B 41 -4.76 -32.83 -24.64
N PHE B 42 -3.86 -32.58 -25.59
CA PHE B 42 -2.76 -31.68 -25.37
C PHE B 42 -3.23 -30.23 -25.33
N SER B 43 -2.75 -29.49 -24.33
CA SER B 43 -3.03 -28.07 -24.22
C SER B 43 -1.83 -27.29 -24.71
N PRO B 44 -1.93 -26.58 -25.83
CA PRO B 44 -0.75 -25.93 -26.40
C PRO B 44 -0.24 -24.80 -25.52
N VAL B 45 1.05 -24.50 -25.69
CA VAL B 45 1.69 -23.38 -25.00
C VAL B 45 1.98 -22.30 -26.03
N ARG B 46 1.86 -21.04 -25.59
CA ARG B 46 2.02 -19.90 -26.48
C ARG B 46 3.04 -18.89 -25.97
N PHE B 47 3.79 -19.23 -24.92
CA PHE B 47 4.74 -18.31 -24.33
C PHE B 47 5.99 -19.08 -23.89
N ALA B 48 7.10 -18.35 -23.78
CA ALA B 48 8.37 -18.90 -23.32
C ALA B 48 9.04 -17.82 -22.48
N TYR B 49 8.68 -17.78 -21.20
CA TYR B 49 9.21 -16.77 -20.29
C TYR B 49 10.48 -17.29 -19.61
N ASP B 50 11.55 -16.50 -19.70
CA ASP B 50 12.82 -16.78 -19.05
C ASP B 50 13.08 -15.67 -18.05
N TRP B 51 12.64 -15.86 -16.81
CA TRP B 51 12.84 -14.83 -15.80
C TRP B 51 14.29 -14.73 -15.34
N LEU B 52 15.17 -15.61 -15.81
CA LEU B 52 16.60 -15.51 -15.56
C LEU B 52 17.34 -14.98 -16.79
N GLU B 53 16.69 -14.12 -17.57
CA GLU B 53 17.26 -13.70 -18.85
C GLU B 53 18.53 -12.89 -18.66
N ASP B 54 18.46 -11.82 -17.88
CA ASP B 54 19.58 -10.93 -17.65
C ASP B 54 20.30 -11.20 -16.35
N ALA B 55 20.02 -12.33 -15.69
CA ALA B 55 20.68 -12.58 -14.43
C ALA B 55 21.97 -13.37 -14.65
N PRO B 56 23.03 -13.04 -13.92
CA PRO B 56 24.29 -13.81 -14.04
C PRO B 56 24.19 -15.19 -13.41
N ILE B 57 23.68 -16.16 -14.15
CA ILE B 57 23.61 -17.54 -13.69
C ILE B 57 24.66 -18.40 -14.39
N GLU B 58 25.74 -17.80 -14.89
CA GLU B 58 26.73 -18.53 -15.68
C GLU B 58 27.47 -19.55 -14.83
N HIS B 59 27.55 -19.34 -13.52
CA HIS B 59 28.20 -20.26 -12.61
C HIS B 59 27.23 -21.22 -11.93
N LEU B 60 25.95 -21.19 -12.32
CA LEU B 60 24.93 -22.10 -11.81
C LEU B 60 24.51 -23.05 -12.92
N THR B 61 24.42 -24.34 -12.60
CA THR B 61 23.98 -25.37 -13.53
C THR B 61 22.89 -26.21 -12.89
N ALA B 62 21.92 -26.65 -13.70
CA ALA B 62 20.79 -27.43 -13.20
C ALA B 62 21.02 -28.93 -13.26
N VAL B 63 21.98 -29.40 -14.05
CA VAL B 63 22.27 -30.84 -14.14
C VAL B 63 23.66 -31.12 -13.58
N GLU B 91 -3.81 -41.88 -18.59
CA GLU B 91 -4.88 -42.13 -17.62
C GLU B 91 -5.72 -40.86 -17.43
N ASN B 92 -5.33 -40.03 -16.47
CA ASN B 92 -5.85 -38.68 -16.33
C ASN B 92 -4.79 -37.63 -16.66
N SER B 93 -3.55 -38.05 -16.94
CA SER B 93 -2.48 -37.12 -17.27
C SER B 93 -1.50 -37.81 -18.21
N PHE B 94 -0.56 -37.03 -18.74
CA PHE B 94 0.49 -37.57 -19.59
C PHE B 94 1.75 -36.74 -19.42
N SER B 95 2.88 -37.36 -19.70
CA SER B 95 4.18 -36.75 -19.41
C SER B 95 4.45 -35.55 -20.31
N ILE B 96 4.75 -34.41 -19.70
CA ILE B 96 5.31 -33.26 -20.39
C ILE B 96 6.81 -33.25 -20.12
N SER B 97 7.59 -32.85 -21.12
CA SER B 97 9.05 -32.85 -21.03
C SER B 97 9.62 -31.62 -21.70
N PRO B 98 9.85 -30.54 -20.94
CA PRO B 98 10.45 -29.34 -21.54
C PRO B 98 11.92 -29.50 -21.90
N GLN B 99 12.58 -30.56 -21.44
CA GLN B 99 13.99 -30.77 -21.78
C GLN B 99 14.16 -31.00 -23.28
N LEU B 100 13.16 -31.57 -23.94
CA LEU B 100 13.21 -31.83 -25.37
C LEU B 100 12.77 -30.64 -26.20
N THR B 101 12.44 -29.52 -25.58
CA THR B 101 12.07 -28.30 -26.28
C THR B 101 13.16 -27.24 -26.10
N GLY B 102 12.97 -26.11 -26.75
CA GLY B 102 13.78 -24.94 -26.47
C GLY B 102 13.26 -24.09 -25.35
N LEU B 103 12.18 -24.52 -24.70
CA LEU B 103 11.56 -23.72 -23.66
C LEU B 103 12.55 -23.52 -22.51
N PRO B 104 12.58 -22.33 -21.89
CA PRO B 104 13.42 -22.14 -20.71
C PRO B 104 12.96 -23.04 -19.58
N TRP B 105 13.87 -23.87 -19.09
CA TRP B 105 13.58 -24.86 -18.05
C TRP B 105 14.55 -24.65 -16.90
N PRO B 106 14.29 -23.67 -16.02
CA PRO B 106 15.20 -23.36 -14.90
C PRO B 106 14.90 -24.19 -13.66
N THR B 107 15.16 -25.50 -13.76
CA THR B 107 15.00 -26.40 -12.64
C THR B 107 15.67 -27.72 -12.98
N SER B 108 16.10 -28.43 -11.94
CA SER B 108 16.62 -29.78 -12.11
C SER B 108 15.51 -30.82 -12.19
N PHE B 109 14.25 -30.42 -11.98
CA PHE B 109 13.14 -31.35 -12.06
C PHE B 109 12.89 -31.77 -13.50
N THR B 110 12.39 -32.98 -13.67
CA THR B 110 12.11 -33.52 -15.00
C THR B 110 10.66 -33.99 -15.14
N LYS B 111 10.10 -34.61 -14.12
CA LYS B 111 8.73 -35.11 -14.19
C LYS B 111 7.76 -33.94 -14.23
N VAL B 112 7.12 -33.75 -15.38
CA VAL B 112 6.01 -32.80 -15.52
C VAL B 112 4.88 -33.51 -16.23
N ARG B 113 3.65 -33.19 -15.83
CA ARG B 113 2.47 -33.82 -16.39
C ARG B 113 1.38 -32.77 -16.58
N GLN B 114 0.47 -33.05 -17.52
CA GLN B 114 -0.67 -32.19 -17.81
C GLN B 114 -1.95 -32.99 -17.64
N ASN B 115 -2.95 -32.38 -17.01
CA ASN B 115 -4.22 -33.06 -16.82
C ASN B 115 -4.98 -33.16 -18.15
N ARG B 116 -5.67 -34.29 -18.34
CA ARG B 116 -6.39 -34.50 -19.59
C ARG B 116 -7.65 -33.65 -19.65
N HIS B 117 -8.42 -33.62 -18.56
CA HIS B 117 -9.72 -32.96 -18.52
C HIS B 117 -9.62 -31.46 -18.29
N TRP B 118 -8.67 -30.81 -18.98
CA TRP B 118 -8.48 -29.37 -18.80
C TRP B 118 -9.59 -28.57 -19.48
N ARG B 119 -10.14 -29.10 -20.58
CA ARG B 119 -11.26 -28.42 -21.22
C ARG B 119 -12.49 -28.41 -20.33
N GLN B 120 -12.73 -29.50 -19.60
CA GLN B 120 -13.80 -29.51 -18.60
C GLN B 120 -13.48 -28.54 -17.47
N SER B 121 -12.22 -28.50 -17.04
CA SER B 121 -11.80 -27.57 -16.00
C SER B 121 -12.00 -26.12 -16.44
N LEU B 122 -11.62 -25.80 -17.69
CA LEU B 122 -11.81 -24.46 -18.19
C LEU B 122 -13.28 -24.13 -18.37
N ARG B 123 -14.09 -25.12 -18.76
CA ARG B 123 -15.52 -24.88 -18.93
C ARG B 123 -16.21 -24.62 -17.59
N ILE B 124 -15.83 -25.36 -16.55
CA ILE B 124 -16.43 -25.15 -15.24
C ILE B 124 -16.00 -23.82 -14.65
N SER B 125 -14.73 -23.45 -14.85
CA SER B 125 -14.24 -22.16 -14.33
C SER B 125 -14.90 -20.99 -15.05
N THR B 126 -15.16 -21.13 -16.36
CA THR B 126 -15.77 -20.04 -17.10
C THR B 126 -17.20 -19.77 -16.64
N GLN B 127 -17.92 -20.82 -16.24
CA GLN B 127 -19.29 -20.64 -15.77
C GLN B 127 -19.32 -19.95 -14.41
N LEU B 128 -18.42 -20.33 -13.51
CA LEU B 128 -18.42 -19.73 -12.18
C LEU B 128 -18.13 -18.24 -12.25
N LEU B 129 -17.21 -17.82 -13.11
CA LEU B 129 -16.88 -16.41 -13.23
C LEU B 129 -18.04 -15.62 -13.82
N GLU B 130 -18.73 -16.19 -14.81
CA GLU B 130 -19.85 -15.49 -15.42
C GLU B 130 -21.04 -15.38 -14.46
N LEU B 131 -21.17 -16.32 -13.51
CA LEU B 131 -22.20 -16.20 -12.50
C LEU B 131 -21.81 -15.19 -11.42
N PHE B 132 -20.52 -15.06 -11.13
CA PHE B 132 -20.04 -14.04 -10.20
C PHE B 132 -20.19 -12.64 -10.80
N ALA B 133 -19.83 -12.50 -12.09
CA ALA B 133 -19.88 -11.20 -12.75
C ALA B 133 -21.31 -10.72 -12.98
N ALA B 134 -22.28 -11.63 -13.00
CA ALA B 134 -23.67 -11.27 -13.26
C ALA B 134 -24.52 -11.27 -11.98
N ASP B 135 -23.99 -11.71 -10.85
CA ASP B 135 -24.75 -11.70 -9.62
C ASP B 135 -24.99 -10.27 -9.16
N ASP B 136 -26.15 -10.03 -8.55
CA ASP B 136 -26.52 -8.68 -8.14
C ASP B 136 -25.75 -8.25 -6.90
N THR B 137 -25.70 -9.10 -5.88
CA THR B 137 -25.04 -8.73 -4.63
C THR B 137 -23.52 -8.76 -4.76
N SER B 138 -22.97 -9.64 -5.61
CA SER B 138 -21.55 -9.63 -5.87
C SER B 138 -21.10 -8.37 -6.59
N ALA B 139 -22.03 -7.65 -7.22
CA ALA B 139 -21.73 -6.32 -7.73
C ALA B 139 -21.70 -5.28 -6.63
N GLN B 140 -22.11 -5.63 -5.40
CA GLN B 140 -22.02 -4.75 -4.25
C GLN B 140 -20.92 -5.12 -3.27
N ALA B 141 -20.48 -6.38 -3.27
CA ALA B 141 -19.35 -6.78 -2.44
C ALA B 141 -18.08 -6.15 -2.98
N VAL B 142 -17.50 -5.24 -2.20
CA VAL B 142 -16.35 -4.44 -2.62
C VAL B 142 -15.29 -4.50 -1.52
N ARG B 143 -14.04 -4.65 -1.93
CA ARG B 143 -12.93 -4.76 -0.99
C ARG B 143 -12.51 -3.38 -0.51
N ARG B 144 -11.40 -3.31 0.22
CA ARG B 144 -10.76 -2.03 0.48
C ARG B 144 -10.35 -1.34 -0.82
N ASN B 145 -10.13 -2.11 -1.88
CA ASN B 145 -9.62 -1.60 -3.14
C ASN B 145 -10.60 -0.65 -3.81
N GLY B 146 -11.89 -0.83 -3.60
CA GLY B 146 -12.90 -0.13 -4.37
C GLY B 146 -13.43 -0.93 -5.55
N VAL B 147 -12.88 -2.13 -5.82
CA VAL B 147 -13.35 -2.99 -6.89
C VAL B 147 -14.37 -3.96 -6.33
N SER B 148 -15.37 -4.26 -7.16
CA SER B 148 -16.42 -5.22 -6.84
C SER B 148 -16.07 -6.60 -7.38
N LEU B 149 -16.72 -7.62 -6.80
CA LEU B 149 -16.47 -9.00 -7.20
C LEU B 149 -16.90 -9.23 -8.64
N ALA B 150 -17.99 -8.60 -9.07
CA ALA B 150 -18.41 -8.70 -10.46
C ALA B 150 -17.32 -8.19 -11.39
N ARG B 151 -16.64 -7.10 -11.03
CA ARG B 151 -15.53 -6.61 -11.83
C ARG B 151 -14.34 -7.56 -11.75
N ILE B 152 -14.08 -8.12 -10.56
CA ILE B 152 -13.02 -9.11 -10.43
C ILE B 152 -13.30 -10.33 -11.29
N ALA B 153 -14.57 -10.75 -11.33
CA ALA B 153 -14.95 -11.87 -12.19
C ALA B 153 -14.86 -11.49 -13.66
N SER B 154 -15.32 -10.30 -14.03
CA SER B 154 -15.23 -9.86 -15.41
C SER B 154 -13.79 -9.65 -15.86
N HIS B 155 -12.92 -9.19 -14.95
CA HIS B 155 -11.52 -9.02 -15.31
C HIS B 155 -10.88 -10.37 -15.67
N GLU B 156 -11.22 -11.41 -14.93
CA GLU B 156 -10.74 -12.74 -15.28
C GLU B 156 -11.46 -13.29 -16.51
N LEU B 157 -12.69 -12.83 -16.75
CA LEU B 157 -13.41 -13.24 -17.96
C LEU B 157 -12.86 -12.54 -19.19
N GLN B 158 -12.49 -11.26 -19.07
CA GLN B 158 -11.83 -10.57 -20.17
C GLN B 158 -10.46 -11.17 -20.48
N THR B 159 -9.84 -11.83 -19.50
CA THR B 159 -8.64 -12.61 -19.77
C THR B 159 -8.98 -13.84 -20.61
N ASP B 160 -8.13 -14.14 -21.59
CA ASP B 160 -8.40 -15.23 -22.52
C ASP B 160 -8.57 -16.55 -21.79
N GLU B 161 -9.30 -17.47 -22.43
CA GLU B 161 -9.67 -18.74 -21.80
C GLU B 161 -8.43 -19.53 -21.38
N GLU B 162 -7.48 -19.71 -22.29
CA GLU B 162 -6.27 -20.48 -22.02
C GLU B 162 -5.30 -19.77 -21.09
N ASP B 163 -5.60 -18.55 -20.66
CA ASP B 163 -4.69 -17.75 -19.87
C ASP B 163 -5.13 -17.53 -18.42
N ARG B 164 -6.37 -17.89 -18.09
CA ARG B 164 -6.91 -17.59 -16.77
C ARG B 164 -6.12 -18.31 -15.68
N PHE B 165 -6.22 -17.79 -14.46
CA PHE B 165 -5.50 -18.34 -13.33
C PHE B 165 -5.86 -19.80 -13.05
N THR B 166 -7.06 -20.22 -13.48
CA THR B 166 -7.47 -21.61 -13.29
C THR B 166 -6.68 -22.58 -14.16
N LYS B 167 -5.92 -22.08 -15.15
CA LYS B 167 -5.03 -22.94 -15.92
C LYS B 167 -3.90 -23.51 -15.09
N PHE B 168 -3.59 -22.88 -13.96
CA PHE B 168 -2.64 -23.46 -13.02
C PHE B 168 -3.00 -24.91 -12.68
N ALA B 169 -4.29 -25.18 -12.52
CA ALA B 169 -4.72 -26.46 -11.96
C ALA B 169 -4.32 -27.64 -12.85
N THR B 170 -4.46 -27.47 -14.17
CA THR B 170 -4.22 -28.57 -15.07
C THR B 170 -2.75 -28.94 -15.16
N TYR B 171 -1.86 -28.18 -14.52
CA TYR B 171 -0.44 -28.51 -14.45
C TYR B 171 0.04 -28.86 -13.06
N ILE B 172 -0.63 -28.37 -12.01
CA ILE B 172 -0.23 -28.66 -10.63
C ILE B 172 -1.10 -29.74 -9.99
N PHE B 173 -2.29 -30.03 -10.52
CA PHE B 173 -3.14 -31.11 -10.05
C PHE B 173 -3.42 -32.10 -11.19
N PRO B 174 -2.39 -32.67 -11.81
CA PRO B 174 -2.62 -33.41 -13.06
C PRO B 174 -3.21 -34.79 -12.88
N GLU B 175 -3.15 -35.37 -11.68
CA GLU B 175 -3.61 -36.74 -11.49
C GLU B 175 -5.08 -36.83 -11.10
N ALA B 176 -5.77 -35.70 -10.99
CA ALA B 176 -7.20 -35.71 -10.67
C ALA B 176 -8.00 -36.21 -11.86
N ASN B 177 -9.02 -37.03 -11.59
CA ASN B 177 -9.89 -37.51 -12.65
C ASN B 177 -10.79 -36.36 -13.10
N GLU B 178 -11.71 -36.64 -14.02
CA GLU B 178 -12.54 -35.60 -14.60
C GLU B 178 -13.34 -34.86 -13.53
N GLU B 179 -14.14 -35.59 -12.75
CA GLU B 179 -15.04 -34.94 -11.80
C GLU B 179 -14.28 -34.30 -10.65
N ARG B 180 -13.14 -34.87 -10.27
CA ARG B 180 -12.35 -34.28 -9.21
C ARG B 180 -11.61 -33.02 -9.69
N MET B 181 -11.17 -33.00 -10.95
CA MET B 181 -10.56 -31.80 -11.49
C MET B 181 -11.54 -30.63 -11.59
N LYS B 182 -12.77 -30.88 -12.00
CA LYS B 182 -13.73 -29.80 -12.15
C LYS B 182 -14.09 -29.18 -10.80
N LEU B 183 -14.01 -29.95 -9.73
CA LEU B 183 -14.25 -29.38 -8.40
C LEU B 183 -13.08 -28.51 -7.95
N LEU B 184 -11.85 -28.93 -8.26
CA LEU B 184 -10.67 -28.15 -7.90
C LEU B 184 -10.64 -26.82 -8.66
N ALA B 185 -10.99 -26.84 -9.95
CA ALA B 185 -11.04 -25.62 -10.73
C ALA B 185 -12.02 -24.62 -10.13
N ALA B 186 -13.10 -25.12 -9.52
CA ALA B 186 -14.07 -24.22 -8.89
C ALA B 186 -13.44 -23.51 -7.70
N THR B 187 -12.69 -24.24 -6.86
CA THR B 187 -12.12 -23.63 -5.66
C THR B 187 -11.04 -22.63 -6.00
N ILE B 188 -10.35 -22.81 -7.14
CA ILE B 188 -9.37 -21.82 -7.56
C ILE B 188 -10.06 -20.52 -7.93
N VAL B 189 -11.24 -20.60 -8.54
CA VAL B 189 -12.05 -19.40 -8.77
C VAL B 189 -12.47 -18.78 -7.44
N TYR B 190 -12.75 -19.61 -6.44
CA TYR B 190 -13.05 -19.09 -5.11
C TYR B 190 -11.84 -18.39 -4.51
N ILE B 191 -10.65 -18.93 -4.73
CA ILE B 191 -9.43 -18.29 -4.23
C ILE B 191 -9.24 -16.92 -4.85
N ILE B 192 -9.46 -16.81 -6.16
CA ILE B 192 -9.33 -15.52 -6.83
C ILE B 192 -10.39 -14.55 -6.33
N ILE B 193 -11.64 -15.03 -6.18
CA ILE B 193 -12.74 -14.13 -5.84
C ILE B 193 -12.60 -13.64 -4.41
N PHE B 194 -12.32 -14.54 -3.46
CA PHE B 194 -12.31 -14.22 -2.05
C PHE B 194 -10.91 -13.93 -1.51
N ASP B 195 -9.97 -13.62 -2.39
CA ASP B 195 -8.70 -13.08 -1.95
C ASP B 195 -8.93 -11.68 -1.36
N ASP B 196 -8.17 -11.35 -0.32
CA ASP B 196 -8.27 -10.09 0.40
C ASP B 196 -9.65 -9.86 1.01
N SER B 197 -10.49 -10.89 1.08
CA SER B 197 -11.80 -10.75 1.71
C SER B 197 -11.70 -10.54 3.21
N TRP B 198 -10.59 -10.96 3.82
CA TRP B 198 -10.36 -10.76 5.25
C TRP B 198 -10.10 -9.31 5.61
N GLU B 199 -9.91 -8.43 4.62
CA GLU B 199 -9.64 -7.02 4.90
C GLU B 199 -10.91 -6.29 5.30
N MET B 200 -12.00 -6.47 4.56
CA MET B 200 -13.28 -5.88 4.94
C MET B 200 -13.81 -6.54 6.21
N HIS B 201 -14.65 -5.80 6.93
CA HIS B 201 -15.02 -6.19 8.28
C HIS B 201 -16.26 -7.06 8.27
N SER B 202 -16.67 -7.48 9.47
CA SER B 202 -17.72 -8.50 9.63
C SER B 202 -19.05 -8.05 9.05
N GLU B 203 -19.30 -6.74 9.00
CA GLU B 203 -20.62 -6.22 8.67
C GLU B 203 -20.72 -5.51 7.33
N ASP B 204 -19.60 -5.17 6.70
CA ASP B 204 -19.65 -4.49 5.40
C ASP B 204 -20.02 -5.47 4.29
N THR B 205 -20.47 -4.91 3.16
CA THR B 205 -21.21 -5.69 2.16
C THR B 205 -20.47 -6.98 1.78
N LEU B 206 -19.15 -6.90 1.60
CA LEU B 206 -18.40 -8.10 1.27
C LEU B 206 -18.22 -9.01 2.48
N GLY B 207 -18.10 -8.45 3.68
CA GLY B 207 -18.00 -9.27 4.87
C GLY B 207 -19.19 -10.17 5.09
N LEU B 208 -20.35 -9.78 4.54
CA LEU B 208 -21.50 -10.67 4.56
C LEU B 208 -21.36 -11.79 3.53
N VAL B 209 -20.98 -11.43 2.30
CA VAL B 209 -20.77 -12.45 1.28
C VAL B 209 -19.61 -13.36 1.65
N ARG B 210 -18.60 -12.83 2.35
CA ARG B 210 -17.49 -13.66 2.79
C ARG B 210 -17.95 -14.68 3.84
N ASP B 211 -18.67 -14.22 4.86
CA ASP B 211 -19.11 -15.12 5.92
C ASP B 211 -20.23 -16.03 5.45
N ASP B 212 -21.04 -15.59 4.48
CA ASP B 212 -22.04 -16.48 3.89
C ASP B 212 -21.37 -17.60 3.11
N PHE B 213 -20.28 -17.30 2.40
CA PHE B 213 -19.52 -18.32 1.69
C PHE B 213 -18.89 -19.32 2.66
N ILE B 214 -18.44 -18.84 3.82
CA ILE B 214 -17.86 -19.74 4.82
C ILE B 214 -18.91 -20.70 5.36
N ARG B 215 -20.16 -20.25 5.45
CA ARG B 215 -21.22 -21.10 5.99
C ARG B 215 -21.47 -22.31 5.12
N ARG B 216 -21.45 -22.13 3.79
CA ARG B 216 -21.86 -23.20 2.89
C ARG B 216 -20.82 -24.30 2.79
N LEU B 217 -19.55 -23.99 3.05
CA LEU B 217 -18.50 -25.01 3.00
C LEU B 217 -18.47 -25.87 4.25
N ARG B 218 -19.24 -25.53 5.29
CA ARG B 218 -19.33 -26.34 6.48
C ARG B 218 -20.53 -27.27 6.48
N GLY B 219 -21.52 -27.03 5.63
CA GLY B 219 -22.77 -27.76 5.75
C GLY B 219 -23.49 -27.46 7.04
N ASP B 220 -23.55 -26.17 7.41
CA ASP B 220 -24.08 -25.71 8.69
C ASP B 220 -25.46 -26.28 9.01
N GLN B 228 -32.73 -19.83 -3.84
CA GLN B 228 -31.30 -19.58 -3.91
C GLN B 228 -30.91 -19.06 -5.29
N THR B 229 -29.93 -18.16 -5.33
CA THR B 229 -29.46 -17.62 -6.59
C THR B 229 -28.83 -18.71 -7.45
N PRO B 230 -28.71 -18.50 -8.76
CA PRO B 230 -27.94 -19.43 -9.59
C PRO B 230 -26.52 -19.62 -9.10
N LEU B 231 -25.94 -18.58 -8.48
CA LEU B 231 -24.60 -18.72 -7.92
C LEU B 231 -24.63 -19.55 -6.63
N GLN B 232 -25.56 -19.25 -5.74
CA GLN B 232 -25.69 -20.02 -4.50
C GLN B 232 -26.04 -21.48 -4.78
N GLN B 233 -26.76 -21.75 -5.86
CA GLN B 233 -26.99 -23.13 -6.26
C GLN B 233 -25.69 -23.78 -6.73
N LEU B 234 -24.87 -23.04 -7.48
CA LEU B 234 -23.62 -23.58 -7.98
C LEU B 234 -22.61 -23.80 -6.84
N ILE B 235 -22.54 -22.87 -5.89
CA ILE B 235 -21.67 -23.04 -4.75
C ILE B 235 -22.16 -24.19 -3.86
N ASN B 236 -23.47 -24.28 -3.65
CA ASN B 236 -24.01 -25.42 -2.92
C ASN B 236 -23.69 -26.73 -3.60
N SER B 237 -23.66 -26.74 -4.95
CA SER B 237 -23.38 -27.96 -5.69
C SER B 237 -21.93 -28.39 -5.55
N THR B 238 -21.00 -27.43 -5.44
CA THR B 238 -19.59 -27.79 -5.37
C THR B 238 -19.23 -28.37 -4.00
N VAL B 239 -19.80 -27.83 -2.92
CA VAL B 239 -19.56 -28.39 -1.59
C VAL B 239 -20.07 -29.82 -1.52
N GLN B 240 -21.28 -30.07 -2.05
CA GLN B 240 -21.81 -31.42 -2.08
C GLN B 240 -20.97 -32.32 -2.96
N GLY B 241 -20.46 -31.79 -4.07
CA GLY B 241 -19.55 -32.56 -4.90
C GLY B 241 -18.32 -33.03 -4.14
N PHE B 242 -17.75 -32.14 -3.31
CA PHE B 242 -16.59 -32.51 -2.51
C PHE B 242 -16.95 -33.59 -1.49
N LYS B 243 -18.08 -33.40 -0.79
CA LYS B 243 -18.50 -34.40 0.19
C LYS B 243 -18.89 -35.71 -0.48
N ASP B 244 -19.50 -35.65 -1.66
CA ASP B 244 -19.87 -36.87 -2.37
C ASP B 244 -18.64 -37.68 -2.75
N GLN B 245 -17.66 -37.03 -3.39
CA GLN B 245 -16.44 -37.73 -3.79
C GLN B 245 -15.67 -38.27 -2.59
N ASP B 246 -15.89 -37.71 -1.39
CA ASP B 246 -15.28 -38.27 -0.19
C ASP B 246 -15.92 -39.60 0.18
N LYS B 247 -17.25 -39.69 0.07
CA LYS B 247 -17.93 -40.94 0.32
C LYS B 247 -17.49 -42.04 -0.65
N THR B 248 -16.98 -41.67 -1.82
CA THR B 248 -16.44 -42.65 -2.75
C THR B 248 -15.05 -43.11 -2.34
N MET B 249 -14.11 -42.18 -2.25
CA MET B 249 -12.72 -42.54 -1.97
C MET B 249 -12.00 -41.36 -1.35
N GLY B 250 -11.23 -41.61 -0.30
CA GLY B 250 -10.46 -40.58 0.36
C GLY B 250 -11.31 -39.63 1.18
N ASN B 251 -10.62 -38.77 1.94
CA ASN B 251 -11.27 -37.79 2.79
C ASN B 251 -10.78 -36.37 2.52
N GLY B 252 -10.05 -36.14 1.44
CA GLY B 252 -9.54 -34.82 1.15
C GLY B 252 -10.59 -33.81 0.75
N GLY B 253 -11.80 -34.25 0.43
CA GLY B 253 -12.86 -33.36 0.00
C GLY B 253 -13.22 -32.31 1.02
N GLN B 254 -13.60 -32.74 2.23
CA GLN B 254 -13.89 -31.78 3.29
C GLN B 254 -12.64 -31.02 3.72
N GLU B 255 -11.45 -31.58 3.47
CA GLU B 255 -10.21 -30.89 3.83
C GLU B 255 -9.97 -29.68 2.95
N VAL B 256 -10.20 -29.81 1.64
CA VAL B 256 -9.99 -28.69 0.72
C VAL B 256 -10.81 -27.48 1.15
N LEU B 257 -12.05 -27.70 1.56
CA LEU B 257 -12.90 -26.60 2.00
C LEU B 257 -12.56 -26.12 3.40
N ASP B 258 -11.98 -26.99 4.24
CA ASP B 258 -11.48 -26.55 5.54
C ASP B 258 -10.33 -25.58 5.36
N ARG B 259 -9.38 -25.93 4.49
CA ARG B 259 -8.28 -25.03 4.18
C ARG B 259 -8.73 -23.82 3.38
N LEU B 260 -9.83 -23.94 2.64
CA LEU B 260 -10.41 -22.76 2.00
C LEU B 260 -11.04 -21.83 3.03
N ILE B 261 -11.62 -22.40 4.09
CA ILE B 261 -12.16 -21.57 5.17
C ILE B 261 -11.02 -20.92 5.96
N ASP B 262 -10.01 -21.71 6.33
CA ASP B 262 -8.85 -21.16 7.02
C ASP B 262 -8.17 -20.07 6.19
N PHE B 263 -8.24 -20.18 4.86
CA PHE B 263 -7.63 -19.16 4.00
C PHE B 263 -8.40 -17.84 4.07
N CYS B 264 -9.72 -17.90 3.89
CA CYS B 264 -10.57 -16.70 3.93
C CYS B 264 -10.67 -16.08 5.31
N GLU B 265 -10.09 -16.70 6.34
CA GLU B 265 -10.18 -16.19 7.70
C GLU B 265 -8.84 -15.76 8.27
N HIS B 266 -7.74 -16.32 7.80
CA HIS B 266 -6.44 -16.03 8.40
C HIS B 266 -6.05 -14.57 8.18
N VAL B 267 -5.21 -14.06 9.08
CA VAL B 267 -4.77 -12.67 9.05
C VAL B 267 -3.40 -12.61 8.36
N PRO B 268 -3.11 -11.53 7.64
CA PRO B 268 -1.77 -11.39 7.04
C PRO B 268 -0.80 -10.80 8.06
N PRO B 269 0.19 -11.57 8.48
CA PRO B 269 1.10 -11.08 9.53
C PRO B 269 2.16 -10.12 9.02
N GLN B 270 3.35 -10.64 8.75
CA GLN B 270 4.53 -9.83 8.51
C GLN B 270 4.62 -9.36 7.07
N THR B 271 4.88 -8.06 6.88
CA THR B 271 5.44 -7.53 5.66
C THR B 271 6.88 -7.09 5.86
N LYS B 272 7.52 -7.60 6.92
CA LYS B 272 8.88 -7.24 7.32
C LYS B 272 9.62 -8.54 7.65
N PHE B 273 10.77 -8.75 7.02
CA PHE B 273 11.48 -10.02 7.11
C PHE B 273 12.96 -9.78 7.38
N ALA B 274 13.40 -10.15 8.57
CA ALA B 274 14.82 -10.10 8.93
C ALA B 274 15.54 -11.37 8.54
N THR B 275 14.88 -12.26 7.80
CA THR B 275 15.39 -13.59 7.51
C THR B 275 14.60 -14.19 6.37
N MET B 276 15.29 -14.90 5.48
CA MET B 276 14.62 -15.57 4.36
C MET B 276 13.63 -16.62 4.87
N GLY B 277 14.04 -17.41 5.86
CA GLY B 277 13.11 -18.34 6.47
C GLY B 277 11.91 -17.69 7.11
N ASP B 278 12.11 -16.48 7.66
CA ASP B 278 10.96 -15.69 8.12
C ASP B 278 10.02 -15.38 6.97
N TYR B 279 10.58 -15.05 5.81
CA TYR B 279 9.77 -14.80 4.63
C TYR B 279 9.13 -16.10 4.12
N LEU B 280 9.89 -17.20 4.13
CA LEU B 280 9.37 -18.46 3.60
C LEU B 280 8.27 -19.01 4.48
N SER B 281 8.43 -18.90 5.81
CA SER B 281 7.38 -19.35 6.72
C SER B 281 6.13 -18.49 6.60
N TYR B 282 6.31 -17.18 6.39
CA TYR B 282 5.17 -16.31 6.14
C TYR B 282 4.50 -16.69 4.83
N ARG B 283 5.29 -16.92 3.79
CA ARG B 283 4.71 -17.19 2.47
C ARG B 283 4.10 -18.58 2.38
N LEU B 284 4.41 -19.47 3.31
CA LEU B 284 3.69 -20.74 3.39
C LEU B 284 2.21 -20.50 3.63
N ILE B 285 1.87 -19.52 4.48
CA ILE B 285 0.47 -19.20 4.72
C ILE B 285 -0.07 -18.27 3.64
N ASP B 286 0.78 -17.37 3.13
CA ASP B 286 0.33 -16.40 2.13
C ASP B 286 0.00 -17.08 0.81
N VAL B 287 0.79 -18.07 0.39
CA VAL B 287 0.53 -18.80 -0.85
C VAL B 287 -0.56 -19.85 -0.68
N ALA B 288 -1.19 -19.92 0.50
CA ALA B 288 -2.23 -20.92 0.78
C ALA B 288 -1.71 -22.33 0.56
N PHE B 289 -0.55 -22.62 1.15
CA PHE B 289 0.08 -23.93 0.98
C PHE B 289 -0.72 -25.04 1.65
N PRO B 290 -1.34 -24.84 2.82
CA PRO B 290 -2.26 -25.88 3.32
C PRO B 290 -3.40 -26.17 2.38
N TYR B 291 -3.93 -25.15 1.69
CA TYR B 291 -4.97 -25.40 0.69
C TYR B 291 -4.41 -26.19 -0.49
N LEU B 292 -3.20 -25.84 -0.95
CA LEU B 292 -2.59 -26.56 -2.06
C LEU B 292 -2.35 -28.02 -1.72
N LEU B 293 -1.93 -28.30 -0.48
CA LEU B 293 -1.69 -29.68 -0.08
C LEU B 293 -2.99 -30.47 -0.04
N ALA B 294 -4.07 -29.85 0.45
CA ALA B 294 -5.36 -30.52 0.49
C ALA B 294 -5.85 -30.85 -0.91
N CYS B 295 -5.56 -29.97 -1.87
CA CYS B 295 -5.98 -30.20 -3.25
C CYS B 295 -5.23 -31.38 -3.85
N ILE B 296 -3.93 -31.50 -3.53
CA ILE B 296 -3.14 -32.63 -4.02
C ILE B 296 -3.68 -33.93 -3.45
N LYS B 297 -3.94 -33.96 -2.14
CA LYS B 297 -4.52 -35.14 -1.52
C LYS B 297 -5.85 -35.48 -2.16
N PHE B 298 -6.68 -34.47 -2.43
CA PHE B 298 -7.99 -34.69 -3.03
C PHE B 298 -7.86 -35.19 -4.48
N SER B 299 -6.89 -34.64 -5.22
CA SER B 299 -6.71 -35.04 -6.62
C SER B 299 -6.38 -36.52 -6.77
N LEU B 300 -5.90 -37.17 -5.71
CA LEU B 300 -5.57 -38.59 -5.73
C LEU B 300 -6.64 -39.45 -5.09
N GLY B 301 -7.70 -38.86 -4.54
CA GLY B 301 -8.63 -39.62 -3.74
C GLY B 301 -7.99 -40.26 -2.54
N SER B 302 -6.98 -39.60 -1.96
CA SER B 302 -6.12 -40.15 -0.93
C SER B 302 -6.67 -39.85 0.46
N SER B 303 -6.05 -40.49 1.47
CA SER B 303 -6.37 -40.28 2.88
C SER B 303 -5.10 -40.10 3.71
N VAL B 304 -3.98 -39.76 3.08
CA VAL B 304 -2.73 -39.55 3.81
C VAL B 304 -2.91 -38.38 4.78
N ASN B 305 -2.35 -38.52 5.99
CA ASN B 305 -2.33 -37.42 6.94
C ASN B 305 -1.30 -36.39 6.48
N VAL B 306 -1.79 -35.23 6.04
CA VAL B 306 -0.90 -34.22 5.47
C VAL B 306 0.07 -33.68 6.51
N GLU B 307 -0.43 -33.40 7.72
CA GLU B 307 0.40 -32.85 8.79
C GLU B 307 1.13 -33.94 9.58
N ASP B 308 1.37 -35.09 8.97
CA ASP B 308 2.18 -36.12 9.63
C ASP B 308 3.59 -35.60 9.84
N PRO B 309 4.15 -35.69 11.06
CA PRO B 309 5.50 -35.17 11.28
C PRO B 309 6.57 -35.88 10.47
N LYS B 310 6.28 -37.08 9.95
CA LYS B 310 7.24 -37.77 9.10
C LYS B 310 7.38 -37.08 7.74
N LEU B 311 6.34 -36.39 7.29
CA LEU B 311 6.35 -35.70 6.00
C LEU B 311 6.61 -34.21 6.13
N ALA B 312 6.74 -33.69 7.35
CA ALA B 312 6.91 -32.25 7.51
C ALA B 312 8.18 -31.71 6.86
N PRO B 313 9.37 -32.32 7.00
CA PRO B 313 10.57 -31.72 6.38
C PRO B 313 10.48 -31.54 4.87
N ILE B 314 10.08 -32.59 4.15
CA ILE B 314 10.03 -32.49 2.70
C ILE B 314 8.89 -31.59 2.25
N LEU B 315 7.78 -31.55 2.99
CA LEU B 315 6.67 -30.69 2.60
C LEU B 315 7.00 -29.22 2.84
N ARG B 316 7.86 -28.93 3.82
CA ARG B 316 8.34 -27.57 3.99
C ARG B 316 9.29 -27.20 2.83
N LEU B 317 10.11 -28.15 2.39
CA LEU B 317 10.97 -27.90 1.24
C LEU B 317 10.15 -27.69 -0.03
N VAL B 318 9.04 -28.41 -0.17
CA VAL B 318 8.16 -28.19 -1.34
C VAL B 318 7.55 -26.80 -1.29
N SER B 319 7.10 -26.37 -0.11
CA SER B 319 6.57 -25.02 0.03
C SER B 319 7.63 -23.97 -0.30
N ASP B 320 8.87 -24.20 0.15
CA ASP B 320 9.92 -23.24 -0.16
C ASP B 320 10.21 -23.21 -1.66
N HIS B 321 10.13 -24.37 -2.33
CA HIS B 321 10.38 -24.41 -3.76
C HIS B 321 9.30 -23.66 -4.54
N VAL B 322 8.03 -23.98 -4.27
CA VAL B 322 6.93 -23.28 -4.93
C VAL B 322 7.01 -21.78 -4.66
N SER B 323 7.38 -21.39 -3.44
CA SER B 323 7.49 -19.98 -3.09
C SER B 323 8.61 -19.29 -3.87
N LEU B 324 9.79 -19.91 -3.91
CA LEU B 324 10.91 -19.31 -4.62
C LEU B 324 10.65 -19.25 -6.12
N VAL B 325 9.99 -20.28 -6.67
CA VAL B 325 9.73 -20.30 -8.10
C VAL B 325 8.71 -19.24 -8.48
N ASN B 326 7.63 -19.13 -7.69
CA ASN B 326 6.61 -18.13 -8.01
C ASN B 326 7.17 -16.72 -7.91
N ASP B 327 8.03 -16.47 -6.93
CA ASP B 327 8.58 -15.13 -6.73
C ASP B 327 9.53 -14.75 -7.87
N LEU B 328 10.43 -15.67 -8.25
CA LEU B 328 11.33 -15.40 -9.36
C LEU B 328 10.56 -15.11 -10.65
N ALA B 329 9.47 -15.84 -10.88
CA ALA B 329 8.69 -15.67 -12.10
C ALA B 329 7.89 -14.38 -12.08
N SER B 330 7.42 -13.95 -10.91
CA SER B 330 6.53 -12.81 -10.79
C SER B 330 7.22 -11.55 -10.32
N TYR B 331 8.55 -11.58 -10.17
CA TYR B 331 9.24 -10.40 -9.65
C TYR B 331 9.13 -9.22 -10.61
N ASP B 332 9.37 -9.46 -11.90
CA ASP B 332 9.32 -8.36 -12.87
C ASP B 332 7.97 -7.65 -12.84
N LYS B 333 6.88 -8.42 -12.81
CA LYS B 333 5.55 -7.81 -12.75
C LYS B 333 5.29 -7.16 -11.40
N GLU B 334 5.68 -7.83 -10.31
CA GLU B 334 5.50 -7.24 -8.99
C GLU B 334 6.39 -6.02 -8.79
N LYS B 335 7.60 -6.04 -9.36
CA LYS B 335 8.45 -4.86 -9.32
C LYS B 335 7.85 -3.73 -10.12
N ARG B 336 7.29 -4.04 -11.30
CA ARG B 336 6.64 -3.01 -12.11
C ARG B 336 5.49 -2.36 -11.36
N ALA B 337 4.66 -3.17 -10.69
CA ALA B 337 3.55 -2.61 -9.92
C ALA B 337 4.04 -1.75 -8.77
N TYR B 338 5.18 -2.09 -8.17
CA TYR B 338 5.75 -1.25 -7.14
C TYR B 338 6.26 0.07 -7.71
N ASP B 339 6.85 0.01 -8.92
CA ASP B 339 7.50 1.19 -9.49
C ASP B 339 6.48 2.20 -10.02
N ASN B 340 5.34 1.74 -10.53
CA ASN B 340 4.32 2.63 -11.06
C ASN B 340 3.21 2.94 -10.06
N GLY B 341 3.33 2.46 -8.82
CA GLY B 341 2.38 2.78 -7.78
C GLY B 341 1.17 1.89 -7.68
N SER B 342 1.09 0.82 -8.49
CA SER B 342 -0.04 -0.11 -8.39
C SER B 342 -0.01 -0.87 -7.06
N ALA B 343 1.10 -1.53 -6.77
CA ALA B 343 1.26 -2.25 -5.52
C ALA B 343 1.89 -1.33 -4.47
N CYS B 344 1.34 -1.37 -3.25
CA CYS B 344 1.86 -0.51 -2.20
C CYS B 344 3.18 -1.04 -1.67
N TYR B 345 3.31 -2.35 -1.52
CA TYR B 345 4.55 -3.01 -1.13
C TYR B 345 5.05 -3.88 -2.29
N LEU B 346 6.30 -4.34 -2.15
CA LEU B 346 6.84 -5.37 -3.03
C LEU B 346 7.37 -6.49 -2.12
N ILE B 347 6.55 -7.50 -1.90
CA ILE B 347 6.88 -8.61 -1.02
C ILE B 347 7.27 -9.78 -1.92
N ASN B 348 8.57 -10.04 -2.02
CA ASN B 348 9.10 -11.03 -2.96
C ASN B 348 10.43 -11.55 -2.45
N ALA B 349 10.65 -12.86 -2.61
CA ALA B 349 11.89 -13.48 -2.14
C ALA B 349 13.11 -12.87 -2.81
N VAL B 350 12.98 -12.46 -4.07
CA VAL B 350 14.12 -11.86 -4.78
C VAL B 350 14.48 -10.52 -4.18
N ASP B 351 13.47 -9.73 -3.78
CA ASP B 351 13.72 -8.44 -3.17
C ASP B 351 14.29 -8.60 -1.77
N VAL B 352 13.83 -9.61 -1.02
CA VAL B 352 14.39 -9.87 0.30
C VAL B 352 15.82 -10.36 0.17
N ALA B 353 16.10 -11.17 -0.86
CA ALA B 353 17.46 -11.61 -1.11
C ALA B 353 18.36 -10.45 -1.52
N GLN B 354 17.82 -9.46 -2.23
CA GLN B 354 18.64 -8.32 -2.60
C GLN B 354 19.00 -7.48 -1.37
N ARG B 355 18.04 -7.27 -0.47
CA ARG B 355 18.29 -6.44 0.70
C ARG B 355 19.16 -7.17 1.72
N LEU B 356 18.83 -8.42 2.03
CA LEU B 356 19.57 -9.19 3.01
C LEU B 356 20.99 -9.51 2.56
N PHE B 357 21.28 -9.40 1.27
CA PHE B 357 22.61 -9.67 0.74
C PHE B 357 23.36 -8.42 0.32
N SER B 358 22.75 -7.24 0.42
CA SER B 358 23.34 -5.99 -0.05
C SER B 358 23.80 -6.14 -1.50
N LEU B 359 22.98 -6.78 -2.30
CA LEU B 359 23.31 -6.97 -3.70
C LEU B 359 23.00 -5.71 -4.51
N PRO B 360 23.75 -5.46 -5.57
CA PRO B 360 23.56 -4.22 -6.34
C PRO B 360 22.21 -4.16 -7.03
N SER B 361 21.92 -5.13 -7.89
CA SER B 361 20.72 -5.15 -8.72
C SER B 361 19.84 -6.35 -8.37
N ALA B 362 18.66 -6.39 -8.98
CA ALA B 362 17.81 -7.56 -8.88
C ALA B 362 18.30 -8.71 -9.75
N ALA B 363 19.14 -8.43 -10.74
CA ALA B 363 19.71 -9.50 -11.54
C ALA B 363 20.57 -10.42 -10.69
N GLU B 364 21.46 -9.83 -9.89
CA GLU B 364 22.26 -10.63 -8.96
C GLU B 364 21.37 -11.29 -7.90
N ALA B 365 20.30 -10.61 -7.48
CA ALA B 365 19.38 -11.22 -6.52
C ALA B 365 18.61 -12.37 -7.15
N LYS B 366 18.32 -12.29 -8.45
CA LYS B 366 17.67 -13.41 -9.13
C LYS B 366 18.59 -14.60 -9.26
N ALA B 367 19.85 -14.36 -9.65
CA ALA B 367 20.80 -15.47 -9.78
C ALA B 367 21.01 -16.17 -8.45
N LEU B 368 20.91 -15.43 -7.35
CA LEU B 368 21.11 -16.01 -6.04
C LEU B 368 19.84 -16.64 -5.47
N THR B 369 18.67 -16.06 -5.75
CA THR B 369 17.43 -16.76 -5.42
C THR B 369 17.32 -18.06 -6.20
N TYR B 370 17.70 -18.04 -7.48
CA TYR B 370 17.78 -19.27 -8.26
C TYR B 370 18.82 -20.22 -7.67
N SER B 371 19.93 -19.69 -7.17
CA SER B 371 20.89 -20.52 -6.44
C SER B 371 20.24 -21.17 -5.23
N MET B 372 19.39 -20.41 -4.52
CA MET B 372 18.69 -20.98 -3.38
C MET B 372 17.70 -22.04 -3.83
N GLN B 373 16.98 -21.79 -4.92
CA GLN B 373 16.03 -22.77 -5.44
C GLN B 373 16.73 -24.08 -5.79
N LEU B 374 17.86 -24.00 -6.48
CA LEU B 374 18.59 -25.20 -6.86
C LEU B 374 19.07 -25.98 -5.65
N LEU B 375 19.34 -25.29 -4.54
CA LEU B 375 19.81 -25.97 -3.35
C LEU B 375 18.70 -26.76 -2.68
N VAL B 376 17.50 -26.16 -2.55
CA VAL B 376 16.40 -26.88 -1.92
C VAL B 376 15.93 -28.03 -2.79
N GLU B 377 16.18 -27.98 -4.10
CA GLU B 377 15.92 -29.14 -4.95
C GLU B 377 16.85 -30.29 -4.59
N ALA B 378 18.11 -29.99 -4.31
CA ALA B 378 19.03 -31.03 -3.84
C ALA B 378 18.60 -31.57 -2.49
N GLN B 379 18.11 -30.71 -1.61
CA GLN B 379 17.61 -31.16 -0.31
C GLN B 379 16.36 -32.03 -0.48
N ILE B 380 15.57 -31.78 -1.53
CA ILE B 380 14.36 -32.56 -1.76
C ILE B 380 14.71 -33.96 -2.25
N LYS B 381 15.64 -34.06 -3.21
CA LYS B 381 16.07 -35.37 -3.69
C LYS B 381 16.69 -36.20 -2.57
N THR B 382 17.50 -35.57 -1.72
CA THR B 382 18.10 -36.29 -0.61
C THR B 382 17.06 -36.73 0.40
N GLU B 383 16.07 -35.87 0.68
CA GLU B 383 15.05 -36.22 1.66
C GLU B 383 14.14 -37.33 1.14
N LEU B 384 13.72 -37.25 -0.12
CA LEU B 384 12.90 -38.30 -0.69
C LEU B 384 13.69 -39.61 -0.80
N ASP B 385 14.96 -39.52 -1.19
CA ASP B 385 15.79 -40.72 -1.22
C ASP B 385 16.00 -41.29 0.18
N SER B 386 15.93 -40.45 1.21
CA SER B 386 16.07 -40.91 2.58
C SER B 386 14.82 -41.65 3.06
N LEU B 387 13.64 -41.07 2.83
CA LEU B 387 12.39 -41.70 3.27
C LEU B 387 12.14 -43.02 2.54
N VAL B 388 12.60 -43.13 1.29
CA VAL B 388 12.38 -44.35 0.52
C VAL B 388 13.29 -45.47 1.01
N ALA B 389 14.58 -45.17 1.17
CA ALA B 389 15.53 -46.20 1.60
C ALA B 389 15.24 -46.67 3.02
N GLY B 390 14.82 -45.75 3.90
CA GLY B 390 14.47 -46.12 5.26
C GLY B 390 13.23 -46.97 5.38
N GLY B 391 12.51 -47.19 4.29
CA GLY B 391 11.33 -48.03 4.29
C GLY B 391 10.18 -47.51 5.12
N ILE B 392 10.19 -46.22 5.47
CA ILE B 392 9.16 -45.64 6.33
C ILE B 392 8.05 -44.96 5.51
N LEU B 393 8.05 -45.15 4.20
CA LEU B 393 7.02 -44.60 3.34
C LEU B 393 6.09 -45.71 2.87
N SER B 394 4.78 -45.49 2.98
CA SER B 394 3.81 -46.39 2.40
C SER B 394 3.54 -46.00 0.95
N CYS B 395 2.91 -46.92 0.21
CA CYS B 395 2.60 -46.64 -1.19
C CYS B 395 1.67 -45.44 -1.34
N GLU B 396 0.75 -45.25 -0.38
CA GLU B 396 -0.12 -44.08 -0.44
C GLU B 396 0.63 -42.81 -0.12
N GLU B 397 1.68 -42.89 0.70
CA GLU B 397 2.44 -41.69 1.03
C GLU B 397 3.39 -41.30 -0.09
N LEU B 398 4.10 -42.27 -0.66
CA LEU B 398 4.97 -41.97 -1.80
C LEU B 398 4.17 -41.42 -2.97
N ARG B 399 2.93 -41.88 -3.15
CA ARG B 399 2.06 -41.34 -4.19
C ARG B 399 1.75 -39.87 -3.93
N PHE B 400 1.40 -39.53 -2.69
CA PHE B 400 1.15 -38.13 -2.35
C PHE B 400 2.39 -37.28 -2.57
N LEU B 401 3.55 -37.76 -2.13
CA LEU B 401 4.79 -37.01 -2.31
C LEU B 401 5.13 -36.87 -3.79
N ASP B 402 4.90 -37.93 -4.58
CA ASP B 402 5.16 -37.86 -6.01
C ASP B 402 4.29 -36.79 -6.67
N ALA B 403 3.04 -36.67 -6.23
CA ALA B 403 2.17 -35.63 -6.77
C ALA B 403 2.56 -34.25 -6.26
N ALA B 404 3.12 -34.17 -5.05
CA ALA B 404 3.59 -32.88 -4.54
C ALA B 404 4.73 -32.36 -5.39
N LEU B 405 5.65 -33.23 -5.80
CA LEU B 405 6.71 -32.81 -6.70
C LEU B 405 6.18 -32.50 -8.10
N LEU B 406 5.00 -33.03 -8.45
CA LEU B 406 4.36 -32.65 -9.71
C LEU B 406 3.78 -31.24 -9.64
N MET B 407 3.32 -30.82 -8.46
CA MET B 407 3.03 -29.40 -8.24
C MET B 407 4.27 -28.55 -8.43
N ALA B 408 5.41 -28.99 -7.85
CA ALA B 408 6.63 -28.21 -7.92
C ALA B 408 7.07 -27.99 -9.36
N SER B 409 7.16 -29.08 -10.13
CA SER B 409 7.61 -28.94 -11.52
C SER B 409 6.52 -28.31 -12.39
N GLY B 410 5.25 -28.63 -12.12
CA GLY B 410 4.17 -28.02 -12.87
C GLY B 410 4.03 -26.54 -12.62
N ASN B 411 4.32 -26.10 -11.39
CA ASN B 411 4.32 -24.67 -11.10
C ASN B 411 5.40 -23.96 -11.92
N VAL B 412 6.57 -24.59 -12.08
CA VAL B 412 7.61 -24.02 -12.93
C VAL B 412 7.13 -23.96 -14.37
N PHE B 413 6.47 -25.03 -14.84
CA PHE B 413 6.08 -25.10 -16.24
C PHE B 413 5.03 -24.05 -16.59
N TYR B 414 4.05 -23.85 -15.71
CA TYR B 414 3.02 -22.85 -15.99
C TYR B 414 3.63 -21.45 -16.05
N SER B 415 4.51 -21.11 -15.10
CA SER B 415 5.11 -19.79 -15.07
C SER B 415 5.92 -19.48 -16.32
N VAL B 416 6.42 -20.51 -17.00
CA VAL B 416 7.20 -20.29 -18.22
C VAL B 416 6.28 -20.08 -19.42
N VAL B 417 5.21 -20.87 -19.52
CA VAL B 417 4.37 -20.89 -20.73
C VAL B 417 3.11 -20.05 -20.59
N SER B 418 2.86 -19.46 -19.43
CA SER B 418 1.67 -18.64 -19.24
C SER B 418 1.93 -17.21 -19.71
N SER B 419 0.89 -16.38 -19.62
CA SER B 419 0.97 -14.99 -19.99
C SER B 419 1.09 -14.05 -18.80
N ARG B 420 0.85 -14.55 -17.58
CA ARG B 420 0.78 -13.68 -16.41
C ARG B 420 2.11 -13.02 -16.09
N TYR B 421 3.22 -13.73 -16.32
CA TYR B 421 4.52 -13.31 -15.83
C TYR B 421 5.42 -12.71 -16.90
N GLY B 422 5.45 -13.30 -18.10
CA GLY B 422 6.25 -12.77 -19.17
C GLY B 422 5.59 -11.68 -19.99
N GLY B 423 4.32 -11.39 -19.73
CA GLY B 423 3.61 -10.41 -20.52
C GLY B 423 3.44 -10.87 -21.96
N LYS B 424 3.13 -9.90 -22.82
CA LYS B 424 3.01 -10.17 -24.25
C LYS B 424 4.36 -10.27 -24.94
N ALA B 425 5.45 -9.88 -24.26
CA ALA B 425 6.78 -9.87 -24.86
C ALA B 425 7.41 -11.25 -24.96
N ALA B 426 6.74 -12.30 -24.46
CA ALA B 426 7.29 -13.65 -24.50
C ALA B 426 6.48 -14.58 -25.40
N LYS B 427 5.75 -14.04 -26.36
CA LYS B 427 4.90 -14.84 -27.23
C LYS B 427 5.73 -15.57 -28.27
N LEU B 428 5.23 -16.73 -28.68
CA LEU B 428 5.86 -17.53 -29.74
C LEU B 428 5.22 -17.20 -31.09
N GLU B 429 5.77 -17.80 -32.14
CA GLU B 429 5.27 -17.55 -33.49
C GLU B 429 5.24 -18.82 -34.33
O1 FPP C . 2.46 27.53 3.03
PA FPP C . 3.29 26.95 1.78
O1A FPP C . 4.59 26.43 2.28
O2A FPP C . 2.39 26.04 1.00
O3A FPP C . 3.56 28.28 0.93
PB FPP C . 4.10 28.52 -0.57
O1B FPP C . 2.97 28.12 -1.49
O2B FPP C . 4.44 29.98 -0.66
O3B FPP C . 5.32 27.63 -0.72
MG MG D . 5.88 25.12 -0.53
MG MG E . -0.04 28.31 1.64
MG MG F . 2.64 30.66 2.59
O1 FPP G . -0.41 -14.31 -7.37
PA FPP G . 0.27 -14.36 -8.83
O1A FPP G . 1.26 -15.47 -8.86
O2A FPP G . -0.81 -14.32 -9.86
O3A FPP G . 1.06 -12.97 -8.84
PB FPP G . 0.55 -11.45 -8.63
O1B FPP G . -0.92 -11.55 -8.32
O2B FPP G . 0.82 -10.73 -9.93
O3B FPP G . 1.36 -10.90 -7.47
MG MG H . 3.72 -13.77 -6.37
#